data_8QAI
#
_entry.id   8QAI
#
_cell.length_a   48.207
_cell.length_b   54.025
_cell.length_c   74.930
_cell.angle_alpha   99.40
_cell.angle_beta   100.94
_cell.angle_gamma   105.33
#
_symmetry.space_group_name_H-M   'P 1'
#
loop_
_entity.id
_entity.type
_entity.pdbx_description
1 polymer sc-CC-7-LI
2 non-polymer DI(HYDROXYETHYL)ETHER
3 water water
#
_entity_poly.entity_id   1
_entity_poly.type   'polypeptide(L)'
_entity_poly.pdbx_seq_one_letter_code
;GSHMLIAEALELIAEALFAIALALLAIAKKDKELAKKAVELAEKVYKEAEELYKKAKKKGDLIAAALALIAQALAAIALA
LAAIALKDKELAKKAYKLAEEVYKKAEKLYEEAKKKGDLIAAALALIAQALALIALALAAIALGDKEKLKEVIEKAKEVY
KKAEELYKEAEKKGDLIAAALALIAQALALIAIALAAIALGDEETLKEVKEKAKEVYEKAKKVAEEAEKKGDLIAAALAL
IAQALALIAIALAAIALGDEEELKKVIEEAKKVYEEAKKIYEEAKKKGDLIAAALALIAQALALIAIALAAIALGDEETL
EEARKEAEEVKKEAEELAKEAEQKGNEIAAALAEIAIALAEIAIALVEIAKK
;
_entity_poly.pdbx_strand_id   A,B
#
# COMPACT_ATOMS: atom_id res chain seq x y z
N HIS A 3 9.26 16.80 13.04
CA HIS A 3 9.04 16.80 11.60
C HIS A 3 8.83 15.39 11.07
N MET A 4 9.11 14.40 11.93
CA MET A 4 8.98 13.01 11.52
C MET A 4 7.54 12.52 11.56
N LEU A 5 6.73 13.06 12.48
CA LEU A 5 5.34 12.64 12.56
C LEU A 5 4.52 13.24 11.42
N ILE A 6 4.89 14.44 10.97
CA ILE A 6 4.19 15.06 9.83
C ILE A 6 4.49 14.30 8.55
N ALA A 7 5.76 13.97 8.33
CA ALA A 7 6.14 13.22 7.12
C ALA A 7 5.52 11.83 7.11
N GLU A 8 5.37 11.21 8.28
CA GLU A 8 4.75 9.89 8.34
C GLU A 8 3.27 9.96 7.96
N ALA A 9 2.58 11.03 8.38
CA ALA A 9 1.16 11.16 8.05
C ALA A 9 0.96 11.44 6.57
N LEU A 10 1.86 12.22 5.95
CA LEU A 10 1.74 12.49 4.53
C LEU A 10 1.94 11.23 3.70
N GLU A 11 2.79 10.31 4.16
CA GLU A 11 2.95 9.04 3.48
C GLU A 11 1.68 8.20 3.58
N LEU A 12 0.99 8.27 4.71
CA LEU A 12 -0.28 7.56 4.85
C LEU A 12 -1.35 8.18 3.98
N ILE A 13 -1.27 9.49 3.73
CA ILE A 13 -2.21 10.13 2.82
C ILE A 13 -2.03 9.61 1.40
N ALA A 14 -0.77 9.46 0.96
CA ALA A 14 -0.51 8.94 -0.38
C ALA A 14 -0.99 7.50 -0.51
N GLU A 15 -0.82 6.70 0.55
CA GLU A 15 -1.30 5.32 0.51
C GLU A 15 -2.81 5.26 0.43
N ALA A 16 -3.51 6.19 1.08
CA ALA A 16 -4.96 6.22 1.00
C ALA A 16 -5.43 6.60 -0.39
N LEU A 17 -4.72 7.53 -1.05
CA LEU A 17 -5.07 7.89 -2.42
C LEU A 17 -4.81 6.73 -3.38
N PHE A 18 -3.82 5.89 -3.08
CA PHE A 18 -3.58 4.70 -3.90
C PHE A 18 -4.76 3.75 -3.83
N ALA A 19 -5.39 3.63 -2.65
CA ALA A 19 -6.56 2.78 -2.53
C ALA A 19 -7.75 3.35 -3.27
N ILE A 20 -7.85 4.68 -3.36
CA ILE A 20 -8.93 5.30 -4.11
C ILE A 20 -8.80 4.99 -5.60
N ALA A 21 -7.58 5.08 -6.13
CA ALA A 21 -7.36 4.73 -7.54
C ALA A 21 -7.67 3.25 -7.78
N LEU A 22 -7.36 2.40 -6.80
CA LEU A 22 -7.71 0.98 -6.93
C LEU A 22 -9.22 0.80 -6.98
N ALA A 23 -9.95 1.54 -6.15
CA ALA A 23 -11.42 1.44 -6.18
C ALA A 23 -12.01 2.07 -7.43
N LEU A 24 -11.37 3.12 -7.95
CA LEU A 24 -11.86 3.74 -9.19
C LEU A 24 -11.63 2.82 -10.38
N LEU A 25 -10.51 2.09 -10.39
CA LEU A 25 -10.24 1.16 -11.49
C LEU A 25 -11.16 -0.05 -11.44
N ALA A 26 -11.69 -0.39 -10.27
CA ALA A 26 -12.63 -1.51 -10.14
C ALA A 26 -14.03 -1.14 -10.61
N ILE A 27 -14.29 0.13 -10.90
CA ILE A 27 -15.60 0.57 -11.38
C ILE A 27 -15.70 0.36 -12.88
N LYS A 29 -13.68 -1.29 -14.92
CA LYS A 29 -13.27 -2.63 -15.30
C LYS A 29 -14.26 -3.66 -14.80
N LYS A 30 -14.98 -3.32 -13.73
CA LYS A 30 -15.97 -4.21 -13.11
C LYS A 30 -15.32 -5.53 -12.67
N ASP A 31 -14.55 -5.42 -11.59
CA ASP A 31 -13.81 -6.55 -11.03
C ASP A 31 -14.05 -6.59 -9.53
N LYS A 32 -14.68 -7.67 -9.05
CA LYS A 32 -14.98 -7.79 -7.64
C LYS A 32 -13.70 -8.00 -6.81
N GLU A 33 -12.77 -8.82 -7.30
CA GLU A 33 -11.54 -9.07 -6.56
C GLU A 33 -10.68 -7.83 -6.45
N LEU A 34 -10.70 -6.97 -7.47
CA LEU A 34 -9.97 -5.71 -7.39
C LEU A 34 -10.58 -4.78 -6.35
N ALA A 35 -11.91 -4.80 -6.22
CA ALA A 35 -12.57 -3.95 -5.24
C ALA A 35 -12.32 -4.44 -3.82
N LYS A 36 -12.12 -5.75 -3.65
CA LYS A 36 -11.80 -6.29 -2.34
C LYS A 36 -10.36 -6.00 -1.94
N LYS A 37 -9.45 -5.90 -2.91
CA LYS A 37 -8.08 -5.54 -2.61
C LYS A 37 -7.98 -4.09 -2.15
N ALA A 38 -8.79 -3.21 -2.75
CA ALA A 38 -8.81 -1.81 -2.30
C ALA A 38 -9.41 -1.68 -0.91
N VAL A 39 -10.33 -2.58 -0.56
CA VAL A 39 -10.91 -2.56 0.77
C VAL A 39 -9.86 -2.91 1.83
N GLU A 40 -9.11 -3.99 1.60
CA GLU A 40 -8.10 -4.42 2.55
C GLU A 40 -7.04 -3.36 2.77
N LEU A 41 -6.66 -2.64 1.71
CA LEU A 41 -5.70 -1.56 1.86
C LEU A 41 -6.30 -0.38 2.61
N ALA A 42 -7.59 -0.13 2.45
CA ALA A 42 -8.21 1.02 3.11
C ALA A 42 -8.33 0.79 4.62
N GLU A 43 -8.68 -0.43 5.03
CA GLU A 43 -8.78 -0.70 6.46
C GLU A 43 -7.41 -0.69 7.13
N LYS A 44 -6.37 -1.09 6.41
CA LYS A 44 -5.02 -1.07 6.98
C LYS A 44 -4.52 0.36 7.16
N VAL A 45 -4.77 1.22 6.17
CA VAL A 45 -4.37 2.63 6.29
C VAL A 45 -5.17 3.31 7.38
N TYR A 46 -6.46 2.96 7.51
CA TYR A 46 -7.29 3.55 8.56
C TYR A 46 -6.77 3.19 9.94
N LYS A 47 -6.36 1.93 10.14
CA LYS A 47 -5.85 1.52 11.44
C LYS A 47 -4.49 2.15 11.72
N GLU A 48 -3.63 2.24 10.71
CA GLU A 48 -2.31 2.83 10.90
C GLU A 48 -2.40 4.32 11.20
N ALA A 49 -3.34 5.02 10.55
CA ALA A 49 -3.50 6.44 10.82
C ALA A 49 -4.11 6.68 12.19
N GLU A 50 -4.87 5.72 12.71
CA GLU A 50 -5.42 5.85 14.05
C GLU A 50 -4.32 5.80 15.11
N GLU A 51 -3.34 4.92 14.91
CA GLU A 51 -2.21 4.87 15.84
C GLU A 51 -1.35 6.12 15.74
N LEU A 52 -1.19 6.67 14.53
CA LEU A 52 -0.43 7.89 14.35
C LEU A 52 -1.14 9.08 14.98
N TYR A 53 -2.48 9.09 14.93
CA TYR A 53 -3.24 10.17 15.54
C TYR A 53 -3.06 10.17 17.06
N LYS A 54 -3.03 8.99 17.67
CA LYS A 54 -2.83 8.91 19.11
C LYS A 54 -1.42 9.35 19.51
N LYS A 55 -0.42 9.00 18.70
CA LYS A 55 0.95 9.40 18.99
C LYS A 55 1.12 10.91 18.85
N ALA A 56 0.53 11.49 17.80
CA ALA A 56 0.63 12.94 17.61
C ALA A 56 -0.07 13.69 18.73
N LYS A 57 -1.23 13.19 19.17
CA LYS A 57 -1.93 13.82 20.29
C LYS A 57 -1.15 13.64 21.59
N LYS A 58 -0.47 12.50 21.75
CA LYS A 58 0.32 12.26 22.95
C LYS A 58 1.53 13.19 23.02
N LYS A 59 2.02 13.65 21.87
CA LYS A 59 3.17 14.54 21.81
C LYS A 59 2.77 16.01 21.67
N GLY A 60 1.51 16.30 21.38
CA GLY A 60 1.05 17.66 21.20
C GLY A 60 1.17 18.21 19.80
N ASP A 61 1.50 17.37 18.81
CA ASP A 61 1.63 17.80 17.43
C ASP A 61 0.24 17.82 16.79
N LEU A 62 -0.41 18.98 16.85
CA LEU A 62 -1.76 19.10 16.32
C LEU A 62 -1.78 19.03 14.79
N ILE A 63 -0.71 19.49 14.14
CA ILE A 63 -0.64 19.44 12.68
C ILE A 63 -0.54 17.99 12.22
N ALA A 64 0.32 17.20 12.86
CA ALA A 64 0.44 15.79 12.50
C ALA A 64 -0.83 15.03 12.82
N ALA A 65 -1.51 15.38 13.91
CA ALA A 65 -2.76 14.71 14.24
C ALA A 65 -3.85 15.02 13.23
N ALA A 66 -3.87 16.24 12.70
CA ALA A 66 -4.88 16.60 11.70
C ALA A 66 -4.61 15.88 10.38
N LEU A 67 -3.34 15.78 9.97
CA LEU A 67 -3.01 15.06 8.75
C LEU A 67 -3.34 13.58 8.88
N ALA A 68 -3.25 13.03 10.09
CA ALA A 68 -3.63 11.64 10.31
C ALA A 68 -5.13 11.44 10.09
N LEU A 69 -5.94 12.43 10.50
CA LEU A 69 -7.38 12.34 10.26
C LEU A 69 -7.71 12.50 8.79
N ILE A 70 -6.93 13.28 8.05
CA ILE A 70 -7.15 13.43 6.61
C ILE A 70 -6.94 12.10 5.91
N ALA A 71 -5.89 11.35 6.30
CA ALA A 71 -5.69 10.02 5.74
C ALA A 71 -6.82 9.08 6.12
N GLN A 72 -7.39 9.25 7.32
CA GLN A 72 -8.52 8.42 7.73
C GLN A 72 -9.76 8.72 6.88
N ALA A 73 -9.96 9.98 6.50
CA ALA A 73 -11.11 10.32 5.67
C ALA A 73 -10.94 9.80 4.24
N LEU A 74 -9.73 9.87 3.70
CA LEU A 74 -9.50 9.34 2.36
C LEU A 74 -9.61 7.82 2.34
N ALA A 75 -9.32 7.15 3.46
CA ALA A 75 -9.52 5.70 3.53
C ALA A 75 -10.99 5.35 3.52
N ALA A 76 -11.83 6.19 4.16
CA ALA A 76 -13.26 5.94 4.13
C ALA A 76 -13.86 6.21 2.76
N ILE A 77 -13.29 7.14 2.01
CA ILE A 77 -13.77 7.40 0.65
C ILE A 77 -13.55 6.18 -0.23
N ALA A 78 -12.38 5.55 -0.12
CA ALA A 78 -12.11 4.36 -0.91
C ALA A 78 -13.02 3.20 -0.53
N LEU A 79 -13.39 3.11 0.75
CA LEU A 79 -14.33 2.08 1.17
C LEU A 79 -15.72 2.32 0.59
N ALA A 80 -16.13 3.59 0.50
CA ALA A 80 -17.42 3.91 -0.08
C ALA A 80 -17.44 3.66 -1.59
N LEU A 81 -16.32 3.97 -2.26
CA LEU A 81 -16.24 3.73 -3.71
C LEU A 81 -16.30 2.24 -4.01
N ALA A 82 -15.68 1.42 -3.15
CA ALA A 82 -15.76 -0.03 -3.33
C ALA A 82 -17.18 -0.55 -3.06
N ALA A 83 -17.94 0.14 -2.22
CA ALA A 83 -19.32 -0.26 -1.98
C ALA A 83 -20.18 -0.11 -3.23
N ILE A 84 -19.91 0.90 -4.05
CA ILE A 84 -20.67 1.08 -5.28
C ILE A 84 -20.32 -0.02 -6.28
N ALA A 85 -19.05 -0.40 -6.35
CA ALA A 85 -18.63 -1.44 -7.28
C ALA A 85 -19.12 -2.82 -6.85
N LEU A 86 -19.14 -3.08 -5.55
CA LEU A 86 -19.56 -4.38 -5.02
C LEU A 86 -21.04 -4.46 -4.68
N LYS A 87 -21.76 -3.33 -4.67
CA LYS A 87 -23.16 -3.29 -4.27
C LYS A 87 -23.37 -3.87 -2.87
N ASP A 88 -22.39 -3.66 -1.99
CA ASP A 88 -22.39 -4.23 -0.64
C ASP A 88 -22.94 -3.17 0.30
N LYS A 89 -24.18 -3.34 0.74
CA LYS A 89 -24.78 -2.40 1.67
C LYS A 89 -24.17 -2.51 3.07
N GLU A 90 -23.74 -3.72 3.46
CA GLU A 90 -23.14 -3.90 4.77
C GLU A 90 -21.80 -3.17 4.86
N LEU A 91 -21.01 -3.21 3.79
CA LEU A 91 -19.74 -2.50 3.78
C LEU A 91 -19.94 -0.99 3.62
N ALA A 92 -21.00 -0.59 2.90
CA ALA A 92 -21.32 0.83 2.81
C ALA A 92 -21.72 1.40 4.16
N LYS A 93 -22.29 0.57 5.04
CA LYS A 93 -22.63 1.03 6.38
C LYS A 93 -21.38 1.20 7.25
N LYS A 94 -20.38 0.34 7.05
CA LYS A 94 -19.14 0.46 7.80
C LYS A 94 -18.38 1.72 7.40
N ALA A 95 -18.34 2.03 6.10
CA ALA A 95 -17.69 3.25 5.65
C ALA A 95 -18.40 4.48 6.21
N TYR A 96 -19.73 4.42 6.32
CA TYR A 96 -20.47 5.53 6.91
C TYR A 96 -20.11 5.72 8.39
N LYS A 97 -20.00 4.61 9.12
CA LYS A 97 -19.66 4.70 10.54
C LYS A 97 -18.22 5.21 10.74
N LEU A 98 -17.29 4.75 9.92
CA LEU A 98 -15.90 5.20 10.05
C LEU A 98 -15.76 6.68 9.70
N ALA A 99 -16.51 7.14 8.70
CA ALA A 99 -16.45 8.55 8.32
C ALA A 99 -17.06 9.43 9.40
N GLU A 100 -18.07 8.92 10.13
CA GLU A 100 -18.66 9.71 11.21
C GLU A 100 -17.69 9.87 12.37
N GLU A 101 -16.86 8.86 12.65
CA GLU A 101 -15.88 8.97 13.72
C GLU A 101 -14.79 9.97 13.39
N VAL A 102 -14.40 10.06 12.11
CA VAL A 102 -13.41 11.07 11.71
C VAL A 102 -13.98 12.46 11.86
N TYR A 103 -15.25 12.65 11.48
CA TYR A 103 -15.88 13.96 11.60
C TYR A 103 -15.96 14.40 13.05
N LYS A 104 -16.29 13.48 13.96
CA LYS A 104 -16.38 13.83 15.37
C LYS A 104 -15.00 14.11 15.96
N LYS A 105 -13.99 13.35 15.54
CA LYS A 105 -12.64 13.58 16.05
C LYS A 105 -12.06 14.89 15.54
N ALA A 106 -12.31 15.21 14.26
CA ALA A 106 -11.80 16.45 13.71
C ALA A 106 -12.50 17.67 14.30
N GLU A 107 -13.76 17.52 14.71
CA GLU A 107 -14.46 18.64 15.33
C GLU A 107 -13.82 19.02 16.65
N LYS A 108 -13.42 18.03 17.45
CA LYS A 108 -12.76 18.32 18.72
C LYS A 108 -11.38 18.93 18.49
N LEU A 109 -10.67 18.46 17.46
CA LEU A 109 -9.34 19.00 17.19
C LEU A 109 -9.42 20.43 16.67
N TYR A 110 -10.45 20.74 15.87
CA TYR A 110 -10.61 22.10 15.38
C TYR A 110 -10.89 23.07 16.53
N GLU A 111 -11.67 22.63 17.52
CA GLU A 111 -11.93 23.48 18.68
C GLU A 111 -10.67 23.69 19.50
N GLU A 112 -9.89 22.63 19.72
CA GLU A 112 -8.66 22.74 20.50
C GLU A 112 -7.63 23.60 19.80
N ALA A 113 -7.50 23.45 18.48
CA ALA A 113 -6.53 24.26 17.73
C ALA A 113 -6.93 25.72 17.67
N LYS A 114 -8.23 26.01 17.62
CA LYS A 114 -8.68 27.39 17.57
C LYS A 114 -8.40 28.12 18.89
N LYS A 115 -8.59 27.42 20.02
CA LYS A 115 -8.35 28.04 21.31
C LYS A 115 -6.87 28.32 21.55
N LYS A 116 -5.98 27.50 20.96
CA LYS A 116 -4.55 27.69 21.12
C LYS A 116 -3.95 28.66 20.12
N GLY A 117 -4.71 29.07 19.10
CA GLY A 117 -4.22 29.99 18.10
C GLY A 117 -3.63 29.34 16.87
N ASP A 118 -3.51 28.01 16.84
CA ASP A 118 -2.97 27.31 15.68
C ASP A 118 -3.97 27.32 14.54
N LEU A 119 -3.94 28.36 13.71
CA LEU A 119 -4.89 28.46 12.61
C LEU A 119 -4.62 27.42 11.53
N ILE A 120 -3.35 27.04 11.34
CA ILE A 120 -3.01 26.05 10.33
C ILE A 120 -3.58 24.69 10.71
N ALA A 121 -3.39 24.28 11.97
CA ALA A 121 -3.92 23.00 12.42
C ALA A 121 -5.44 23.00 12.42
N ALA A 122 -6.07 24.15 12.69
CA ALA A 122 -7.53 24.22 12.68
C ALA A 122 -8.06 24.09 11.26
N ALA A 123 -7.36 24.67 10.28
CA ALA A 123 -7.81 24.57 8.89
C ALA A 123 -7.69 23.13 8.38
N LEU A 124 -6.62 22.43 8.76
CA LEU A 124 -6.47 21.03 8.36
C LEU A 124 -7.56 20.16 8.98
N ALA A 125 -8.00 20.49 10.19
CA ALA A 125 -9.09 19.73 10.81
C ALA A 125 -10.39 19.91 10.04
N LEU A 126 -10.62 21.11 9.49
CA LEU A 126 -11.81 21.33 8.68
C LEU A 126 -11.71 20.61 7.33
N ILE A 127 -10.49 20.43 6.82
CA ILE A 127 -10.32 19.67 5.58
C ILE A 127 -10.67 18.20 5.81
N ALA A 128 -10.29 17.66 6.98
CA ALA A 128 -10.66 16.29 7.30
C ALA A 128 -12.16 16.13 7.44
N GLN A 129 -12.85 17.16 7.94
CA GLN A 129 -14.31 17.10 8.05
C GLN A 129 -14.95 17.11 6.67
N ALA A 130 -14.44 17.94 5.76
CA ALA A 130 -15.02 18.00 4.42
C ALA A 130 -14.76 16.72 3.64
N LEU A 131 -13.57 16.13 3.79
CA LEU A 131 -13.28 14.88 3.12
C LEU A 131 -14.13 13.74 3.69
N ALA A 132 -14.38 13.78 5.01
CA ALA A 132 -15.24 12.76 5.61
C ALA A 132 -16.67 12.87 5.12
N LEU A 133 -17.13 14.09 4.81
CA LEU A 133 -18.48 14.26 4.28
C LEU A 133 -18.59 13.76 2.85
N ILE A 134 -17.49 13.77 2.10
CA ILE A 134 -17.49 13.17 0.76
C ILE A 134 -17.66 11.66 0.86
N ALA A 135 -17.04 11.05 1.86
CA ALA A 135 -17.21 9.61 2.07
C ALA A 135 -18.64 9.29 2.51
N LEU A 136 -19.24 10.15 3.33
CA LEU A 136 -20.62 9.92 3.76
C LEU A 136 -21.58 10.05 2.59
N ALA A 137 -21.32 10.98 1.67
CA ALA A 137 -22.18 11.13 0.49
C ALA A 137 -22.09 9.91 -0.41
N LEU A 138 -20.87 9.43 -0.67
CA LEU A 138 -20.72 8.25 -1.52
C LEU A 138 -21.31 7.01 -0.88
N ALA A 139 -21.14 6.87 0.44
CA ALA A 139 -21.71 5.72 1.14
C ALA A 139 -23.24 5.80 1.15
N ALA A 140 -23.80 7.01 1.28
CA ALA A 140 -25.25 7.16 1.25
C ALA A 140 -25.80 6.90 -0.14
N ILE A 141 -25.03 7.19 -1.18
CA ILE A 141 -25.47 6.90 -2.54
C ILE A 141 -25.57 5.40 -2.76
N ALA A 142 -24.58 4.64 -2.25
CA ALA A 142 -24.62 3.20 -2.38
C ALA A 142 -25.77 2.59 -1.59
N LEU A 143 -26.18 3.24 -0.50
CA LEU A 143 -27.30 2.76 0.30
C LEU A 143 -28.65 3.29 -0.20
N GLY A 144 -28.65 4.43 -0.90
CA GLY A 144 -29.90 5.03 -1.30
C GLY A 144 -30.68 5.64 -0.15
N ASP A 145 -29.98 6.17 0.84
CA ASP A 145 -30.61 6.74 2.04
C ASP A 145 -30.81 8.24 1.84
N LYS A 146 -32.06 8.65 1.60
CA LYS A 146 -32.34 10.07 1.43
C LYS A 146 -32.13 10.85 2.73
N GLU A 147 -32.34 10.19 3.88
CA GLU A 147 -32.11 10.87 5.16
C GLU A 147 -30.63 11.14 5.38
N LYS A 148 -29.76 10.19 5.02
CA LYS A 148 -28.32 10.39 5.18
C LYS A 148 -27.80 11.43 4.22
N LEU A 149 -28.37 11.54 3.02
CA LEU A 149 -27.93 12.55 2.06
C LEU A 149 -28.26 13.95 2.56
N LYS A 150 -29.40 14.12 3.23
CA LYS A 150 -29.77 15.43 3.75
C LYS A 150 -28.89 15.83 4.93
N GLU A 151 -28.43 14.86 5.72
CA GLU A 151 -27.53 15.16 6.82
C GLU A 151 -26.17 15.63 6.30
N VAL A 152 -25.72 15.09 5.17
CA VAL A 152 -24.44 15.52 4.59
C VAL A 152 -24.49 16.98 4.21
N ILE A 153 -25.62 17.43 3.63
CA ILE A 153 -25.75 18.81 3.21
C ILE A 153 -25.74 19.75 4.42
N GLU A 154 -26.40 19.36 5.50
CA GLU A 154 -26.45 20.21 6.69
C GLU A 154 -25.09 20.31 7.35
N LYS A 155 -24.39 19.18 7.49
CA LYS A 155 -23.06 19.20 8.11
C LYS A 155 -22.06 19.95 7.25
N ALA A 156 -22.16 19.82 5.92
CA ALA A 156 -21.23 20.51 5.05
C ALA A 156 -21.42 22.01 5.05
N LYS A 157 -22.65 22.47 5.32
CA LYS A 157 -22.87 23.91 5.46
C LYS A 157 -22.20 24.46 6.70
N GLU A 158 -22.12 23.66 7.76
CA GLU A 158 -21.42 24.10 8.97
C GLU A 158 -19.91 24.17 8.73
N VAL A 159 -19.37 23.24 7.96
CA VAL A 159 -17.95 23.28 7.63
C VAL A 159 -17.65 24.50 6.77
N TYR A 160 -18.54 24.82 5.83
CA TYR A 160 -18.35 25.99 4.97
C TYR A 160 -18.35 27.28 5.79
N LYS A 161 -19.25 27.38 6.77
CA LYS A 161 -19.31 28.59 7.59
C LYS A 161 -18.11 28.71 8.52
N LYS A 162 -17.67 27.58 9.09
CA LYS A 162 -16.50 27.62 9.96
C LYS A 162 -15.24 27.98 9.19
N ALA A 163 -15.12 27.49 7.95
CA ALA A 163 -13.95 27.81 7.14
C ALA A 163 -13.95 29.27 6.70
N GLU A 164 -15.13 29.85 6.52
CA GLU A 164 -15.20 31.26 6.12
C GLU A 164 -14.75 32.17 7.27
N GLU A 165 -15.14 31.85 8.49
CA GLU A 165 -14.68 32.63 9.64
C GLU A 165 -13.18 32.48 9.85
N LEU A 166 -12.65 31.28 9.62
CA LEU A 166 -11.22 31.07 9.74
C LEU A 166 -10.43 31.77 8.64
N TYR A 167 -11.00 31.83 7.43
CA TYR A 167 -10.32 32.53 6.34
C TYR A 167 -10.22 34.02 6.60
N LYS A 168 -11.30 34.62 7.13
CA LYS A 168 -11.25 36.05 7.43
C LYS A 168 -10.29 36.35 8.57
N GLU A 169 -10.23 35.46 9.57
CA GLU A 169 -9.30 35.67 10.68
C GLU A 169 -7.85 35.51 10.22
N ALA A 170 -7.58 34.54 9.35
CA ALA A 170 -6.23 34.34 8.86
C ALA A 170 -5.80 35.48 7.94
N GLU A 171 -6.72 36.04 7.16
CA GLU A 171 -6.38 37.14 6.27
C GLU A 171 -6.06 38.41 7.05
N LYS A 172 -6.72 38.62 8.19
CA LYS A 172 -6.43 39.80 8.99
C LYS A 172 -5.10 39.67 9.72
N LYS A 173 -4.68 38.44 10.03
CA LYS A 173 -3.41 38.21 10.70
C LYS A 173 -2.25 38.02 9.73
N GLY A 174 -2.53 37.95 8.43
CA GLY A 174 -1.49 37.75 7.43
C GLY A 174 -1.10 36.31 7.19
N ASP A 175 -1.74 35.36 7.86
CA ASP A 175 -1.43 33.94 7.69
C ASP A 175 -2.06 33.46 6.38
N LEU A 176 -1.32 33.60 5.28
CA LEU A 176 -1.82 33.21 3.98
C LEU A 176 -1.82 31.70 3.78
N ILE A 177 -1.02 30.97 4.55
CA ILE A 177 -1.04 29.51 4.45
C ILE A 177 -2.35 28.96 5.04
N ALA A 178 -2.75 29.47 6.21
CA ALA A 178 -4.01 29.04 6.80
C ALA A 178 -5.19 29.53 6.00
N ALA A 179 -5.08 30.71 5.37
CA ALA A 179 -6.17 31.23 4.56
C ALA A 179 -6.38 30.36 3.32
N ALA A 180 -5.30 29.90 2.70
CA ALA A 180 -5.43 29.02 1.53
C ALA A 180 -5.98 27.66 1.94
N LEU A 181 -5.57 27.15 3.11
CA LEU A 181 -6.10 25.89 3.59
C LEU A 181 -7.57 26.00 3.95
N ALA A 182 -8.02 27.17 4.41
CA ALA A 182 -9.44 27.35 4.70
C ALA A 182 -10.27 27.34 3.42
N LEU A 183 -9.73 27.91 2.33
CA LEU A 183 -10.43 27.86 1.06
C LEU A 183 -10.46 26.45 0.48
N ILE A 184 -9.47 25.63 0.80
CA ILE A 184 -9.48 24.24 0.37
C ILE A 184 -10.62 23.48 1.03
N ALA A 185 -10.83 23.71 2.33
CA ALA A 185 -11.93 23.05 3.03
C ALA A 185 -13.29 23.50 2.49
N GLN A 186 -13.39 24.76 2.06
CA GLN A 186 -14.63 25.24 1.48
C GLN A 186 -14.92 24.56 0.15
N ALA A 187 -13.89 24.41 -0.70
CA ALA A 187 -14.09 23.76 -1.99
C ALA A 187 -14.43 22.29 -1.82
N LEU A 188 -13.81 21.62 -0.85
CA LEU A 188 -14.11 20.21 -0.61
C LEU A 188 -15.51 20.04 -0.04
N ALA A 189 -15.95 20.98 0.80
CA ALA A 189 -17.30 20.90 1.36
C ALA A 189 -18.35 21.07 0.27
N LEU A 190 -18.08 21.94 -0.71
CA LEU A 190 -19.02 22.11 -1.82
C LEU A 190 -19.08 20.88 -2.70
N ILE A 191 -17.97 20.13 -2.80
CA ILE A 191 -17.97 18.88 -3.56
C ILE A 191 -18.86 17.85 -2.88
N ALA A 192 -18.85 17.82 -1.54
CA ALA A 192 -19.71 16.89 -0.82
C ALA A 192 -21.19 17.23 -1.02
N ILE A 193 -21.51 18.53 -1.04
CA ILE A 193 -22.90 18.94 -1.27
C ILE A 193 -23.32 18.61 -2.70
N ALA A 194 -22.43 18.85 -3.67
CA ALA A 194 -22.77 18.60 -5.07
C ALA A 194 -23.09 17.11 -5.29
N LEU A 195 -22.28 16.22 -4.70
CA LEU A 195 -22.55 14.80 -4.83
C LEU A 195 -23.88 14.42 -4.18
N ALA A 196 -24.18 15.02 -3.03
CA ALA A 196 -25.43 14.70 -2.34
C ALA A 196 -26.63 15.31 -3.06
N ALA A 197 -26.47 16.50 -3.62
CA ALA A 197 -27.58 17.14 -4.32
C ALA A 197 -27.89 16.44 -5.63
N ILE A 198 -26.89 15.84 -6.26
CA ILE A 198 -27.13 15.10 -7.51
C ILE A 198 -27.99 13.87 -7.24
N ALA A 199 -27.68 13.13 -6.18
CA ALA A 199 -28.46 11.94 -5.86
C ALA A 199 -29.88 12.29 -5.43
N LEU A 200 -30.06 13.47 -4.82
CA LEU A 200 -31.38 13.92 -4.40
C LEU A 200 -32.14 14.65 -5.49
N GLY A 201 -31.47 15.06 -6.56
CA GLY A 201 -32.14 15.79 -7.62
C GLY A 201 -32.52 17.22 -7.24
N ASP A 202 -31.65 17.89 -6.48
CA ASP A 202 -31.91 19.26 -6.02
C ASP A 202 -31.21 20.21 -6.99
N GLU A 203 -31.98 20.77 -7.92
CA GLU A 203 -31.40 21.66 -8.92
C GLU A 203 -30.97 22.99 -8.31
N GLU A 204 -31.76 23.53 -7.38
CA GLU A 204 -31.44 24.83 -6.79
C GLU A 204 -30.17 24.77 -5.96
N THR A 205 -30.01 23.70 -5.17
CA THR A 205 -28.79 23.55 -4.39
C THR A 205 -27.57 23.42 -5.29
N LEU A 206 -27.72 22.71 -6.42
CA LEU A 206 -26.61 22.59 -7.38
C LEU A 206 -26.29 23.95 -8.00
N LYS A 207 -27.30 24.79 -8.21
CA LYS A 207 -27.04 26.13 -8.73
C LYS A 207 -26.31 26.98 -7.70
N GLU A 208 -26.62 26.79 -6.42
CA GLU A 208 -25.95 27.56 -5.37
C GLU A 208 -24.51 27.10 -5.18
N VAL A 209 -24.23 25.82 -5.41
CA VAL A 209 -22.86 25.33 -5.33
C VAL A 209 -22.00 25.96 -6.41
N LYS A 210 -22.55 26.14 -7.61
CA LYS A 210 -21.79 26.69 -8.72
C LYS A 210 -21.35 28.12 -8.43
N GLU A 211 -22.26 28.96 -7.95
CA GLU A 211 -21.92 30.36 -7.71
C GLU A 211 -21.01 30.51 -6.50
N LYS A 212 -21.22 29.69 -5.46
CA LYS A 212 -20.37 29.79 -4.28
C LYS A 212 -18.98 29.24 -4.55
N ALA A 213 -18.85 28.25 -5.44
CA ALA A 213 -17.54 27.77 -5.82
C ALA A 213 -16.79 28.79 -6.66
N LYS A 214 -17.52 29.60 -7.43
CA LYS A 214 -16.87 30.68 -8.17
C LYS A 214 -16.31 31.73 -7.22
N GLU A 215 -17.01 31.99 -6.10
CA GLU A 215 -16.50 32.93 -5.11
C GLU A 215 -15.22 32.41 -4.47
N VAL A 216 -15.17 31.11 -4.16
CA VAL A 216 -13.95 30.51 -3.62
C VAL A 216 -12.82 30.59 -4.65
N TYR A 217 -13.17 30.43 -5.93
CA TYR A 217 -12.17 30.50 -6.99
C TYR A 217 -11.56 31.89 -7.09
N GLU A 218 -12.39 32.94 -6.95
CA GLU A 218 -11.88 34.30 -7.03
C GLU A 218 -11.07 34.66 -5.78
N LYS A 219 -11.47 34.17 -4.61
CA LYS A 219 -10.72 34.43 -3.40
C LYS A 219 -9.36 33.74 -3.43
N ALA A 220 -9.30 32.53 -3.98
CA ALA A 220 -8.03 31.82 -4.08
C ALA A 220 -7.08 32.49 -5.07
N LYS A 221 -7.63 33.16 -6.09
CA LYS A 221 -6.78 33.89 -7.02
C LYS A 221 -6.14 35.11 -6.35
N LYS A 222 -6.86 35.76 -5.43
CA LYS A 222 -6.30 36.90 -4.74
C LYS A 222 -5.21 36.48 -3.76
N VAL A 223 -5.42 35.36 -3.06
CA VAL A 223 -4.42 34.87 -2.12
C VAL A 223 -3.14 34.47 -2.86
N ALA A 224 -3.29 33.87 -4.04
CA ALA A 224 -2.12 33.48 -4.82
C ALA A 224 -1.32 34.69 -5.26
N GLU A 225 -2.00 35.77 -5.64
CA GLU A 225 -1.30 36.98 -6.07
C GLU A 225 -0.62 37.66 -4.88
N GLU A 226 -1.27 37.66 -3.71
CA GLU A 226 -0.68 38.28 -2.54
C GLU A 226 0.49 37.45 -2.00
N ALA A 227 0.36 36.12 -2.03
CA ALA A 227 1.45 35.27 -1.58
C ALA A 227 2.66 35.37 -2.51
N GLU A 228 2.42 35.55 -3.81
CA GLU A 228 3.53 35.72 -4.75
C GLU A 228 4.26 37.03 -4.52
N LYS A 229 3.53 38.09 -4.13
CA LYS A 229 4.17 39.38 -3.88
C LYS A 229 5.02 39.32 -2.62
N LYS A 230 4.58 38.58 -1.60
CA LYS A 230 5.34 38.43 -0.37
C LYS A 230 6.45 37.40 -0.48
N GLY A 231 6.51 36.63 -1.56
CA GLY A 231 7.52 35.62 -1.73
C GLY A 231 7.21 34.28 -1.11
N ASP A 232 5.99 34.07 -0.64
CA ASP A 232 5.59 32.80 -0.03
C ASP A 232 5.05 31.89 -1.12
N LEU A 233 5.92 31.02 -1.65
CA LEU A 233 5.50 30.08 -2.68
C LEU A 233 4.71 28.91 -2.12
N ILE A 234 4.82 28.63 -0.82
CA ILE A 234 4.03 27.57 -0.21
C ILE A 234 2.56 27.95 -0.19
N ALA A 235 2.26 29.18 0.24
CA ALA A 235 0.87 29.65 0.25
C ALA A 235 0.35 29.82 -1.18
N ALA A 236 1.20 30.23 -2.12
CA ALA A 236 0.76 30.40 -3.50
C ALA A 236 0.38 29.05 -4.11
N ALA A 237 1.16 28.00 -3.84
CA ALA A 237 0.83 26.68 -4.36
C ALA A 237 -0.45 26.14 -3.71
N LEU A 238 -0.63 26.42 -2.42
CA LEU A 238 -1.86 25.99 -1.75
C LEU A 238 -3.07 26.73 -2.32
N ALA A 239 -2.90 28.00 -2.68
CA ALA A 239 -4.00 28.75 -3.28
C ALA A 239 -4.36 28.19 -4.66
N LEU A 240 -3.37 27.73 -5.42
CA LEU A 240 -3.67 27.09 -6.70
C LEU A 240 -4.36 25.75 -6.51
N ILE A 241 -4.07 25.04 -5.42
CA ILE A 241 -4.78 23.81 -5.11
C ILE A 241 -6.26 24.10 -4.85
N ALA A 242 -6.55 25.17 -4.10
CA ALA A 242 -7.93 25.57 -3.86
C ALA A 242 -8.62 25.98 -5.15
N GLN A 243 -7.88 26.57 -6.09
CA GLN A 243 -8.47 26.93 -7.38
C GLN A 243 -8.91 25.69 -8.15
N ALA A 244 -8.07 24.65 -8.18
CA ALA A 244 -8.40 23.44 -8.91
C ALA A 244 -9.57 22.70 -8.25
N LEU A 245 -9.57 22.63 -6.91
CA LEU A 245 -10.66 21.96 -6.22
C LEU A 245 -11.98 22.70 -6.39
N ALA A 246 -11.94 24.03 -6.48
CA ALA A 246 -13.16 24.79 -6.72
C ALA A 246 -13.69 24.55 -8.13
N LEU A 247 -12.79 24.39 -9.10
CA LEU A 247 -13.22 24.09 -10.46
C LEU A 247 -13.82 22.69 -10.58
N ILE A 248 -13.38 21.76 -9.72
CA ILE A 248 -13.97 20.44 -9.70
C ILE A 248 -15.43 20.51 -9.23
N ALA A 249 -15.70 21.36 -8.24
CA ALA A 249 -17.06 21.52 -7.75
C ALA A 249 -17.96 22.16 -8.81
N ILE A 250 -17.42 23.11 -9.57
CA ILE A 250 -18.21 23.74 -10.63
C ILE A 250 -18.54 22.72 -11.72
N ALA A 251 -17.58 21.86 -12.05
CA ALA A 251 -17.81 20.85 -13.09
C ALA A 251 -18.89 19.85 -12.66
N LEU A 252 -18.86 19.39 -11.41
CA LEU A 252 -19.86 18.45 -10.93
C LEU A 252 -21.25 19.08 -10.97
N ALA A 253 -21.37 20.36 -10.65
CA ALA A 253 -22.65 21.03 -10.71
C ALA A 253 -23.10 21.26 -12.16
N ALA A 254 -22.15 21.63 -13.03
CA ALA A 254 -22.49 21.84 -14.43
C ALA A 254 -22.84 20.53 -15.13
N ILE A 255 -22.31 19.40 -14.62
CA ILE A 255 -22.62 18.11 -15.22
C ILE A 255 -24.07 17.74 -14.98
N ALA A 256 -24.53 17.87 -13.73
CA ALA A 256 -25.91 17.53 -13.40
C ALA A 256 -26.90 18.51 -14.01
N LEU A 257 -26.53 19.79 -14.11
CA LEU A 257 -27.41 20.80 -14.68
C LEU A 257 -27.38 20.81 -16.20
N GLY A 258 -26.46 20.08 -16.83
CA GLY A 258 -26.38 20.06 -18.28
C GLY A 258 -25.90 21.36 -18.89
N ASP A 259 -24.95 22.03 -18.25
CA ASP A 259 -24.41 23.30 -18.72
C ASP A 259 -23.13 23.00 -19.50
N GLU A 260 -23.27 22.81 -20.81
CA GLU A 260 -22.11 22.52 -21.66
C GLU A 260 -21.17 23.72 -21.75
N GLU A 261 -21.73 24.93 -21.77
CA GLU A 261 -20.90 26.13 -21.87
C GLU A 261 -20.05 26.31 -20.61
N GLU A 262 -20.62 25.99 -19.45
CA GLU A 262 -19.84 26.09 -18.21
C GLU A 262 -18.74 25.05 -18.16
N LEU A 263 -18.96 23.86 -18.71
CA LEU A 263 -17.93 22.84 -18.74
C LEU A 263 -16.77 23.27 -19.63
N LYS A 264 -17.06 23.94 -20.74
CA LYS A 264 -16.00 24.43 -21.61
C LYS A 264 -15.20 25.53 -20.94
N LYS A 265 -15.84 26.33 -20.09
CA LYS A 265 -15.11 27.36 -19.35
C LYS A 265 -14.26 26.76 -18.24
N VAL A 266 -14.68 25.62 -17.69
CA VAL A 266 -13.90 24.94 -16.66
C VAL A 266 -12.59 24.44 -17.24
N ILE A 267 -12.63 23.87 -18.45
CA ILE A 267 -11.42 23.40 -19.11
C ILE A 267 -10.45 24.54 -19.35
N GLU A 268 -10.97 25.68 -19.81
CA GLU A 268 -10.11 26.84 -20.07
C GLU A 268 -9.50 27.36 -18.78
N GLU A 269 -10.28 27.45 -17.70
CA GLU A 269 -9.76 27.95 -16.44
C GLU A 269 -8.77 26.97 -15.82
N ALA A 270 -9.08 25.68 -15.86
CA ALA A 270 -8.17 24.69 -15.28
C ALA A 270 -6.85 24.63 -16.03
N LYS A 271 -6.87 24.93 -17.34
CA LYS A 271 -5.62 25.01 -18.08
C LYS A 271 -4.76 26.18 -17.62
N LYS A 272 -5.40 27.26 -17.15
CA LYS A 272 -4.65 28.41 -16.65
C LYS A 272 -4.04 28.09 -15.29
N VAL A 273 -4.75 27.34 -14.45
CA VAL A 273 -4.20 26.93 -13.16
C VAL A 273 -3.03 25.98 -13.36
N TYR A 274 -3.14 25.09 -14.35
CA TYR A 274 -2.05 24.14 -14.63
C TYR A 274 -0.81 24.86 -15.11
N GLU A 275 -0.96 25.86 -15.99
CA GLU A 275 0.19 26.60 -16.48
C GLU A 275 0.79 27.48 -15.40
N GLU A 276 -0.06 28.05 -14.54
CA GLU A 276 0.45 28.88 -13.44
C GLU A 276 1.20 28.04 -12.43
N ALA A 277 0.73 26.81 -12.17
CA ALA A 277 1.43 25.93 -11.24
C ALA A 277 2.78 25.49 -11.77
N LYS A 278 2.93 25.42 -13.10
CA LYS A 278 4.23 25.08 -13.67
C LYS A 278 5.24 26.19 -13.45
N LYS A 279 4.80 27.45 -13.47
CA LYS A 279 5.71 28.56 -13.20
C LYS A 279 6.13 28.58 -11.74
N ILE A 280 5.21 28.26 -10.83
CA ILE A 280 5.54 28.20 -9.41
C ILE A 280 6.54 27.08 -9.14
N TYR A 281 6.39 25.96 -9.85
CA TYR A 281 7.32 24.85 -9.67
C TYR A 281 8.73 25.24 -10.11
N GLU A 282 8.85 25.95 -11.24
CA GLU A 282 10.17 26.36 -11.72
C GLU A 282 10.80 27.38 -10.79
N GLU A 283 9.98 28.27 -10.21
CA GLU A 283 10.52 29.26 -9.28
C GLU A 283 10.91 28.64 -7.95
N ALA A 284 10.13 27.65 -7.49
CA ALA A 284 10.44 27.01 -6.22
C ALA A 284 11.71 26.16 -6.32
N LYS A 285 11.89 25.48 -7.45
CA LYS A 285 13.10 24.67 -7.63
C LYS A 285 14.33 25.54 -7.77
N LYS A 286 14.20 26.74 -8.34
CA LYS A 286 15.34 27.63 -8.50
C LYS A 286 15.82 28.18 -7.15
N LYS A 287 14.89 28.42 -6.22
CA LYS A 287 15.26 28.94 -4.90
C LYS A 287 15.48 27.84 -3.87
N GLY A 288 15.18 26.59 -4.20
CA GLY A 288 15.44 25.48 -3.32
C GLY A 288 14.30 25.10 -2.40
N ASP A 289 13.10 25.64 -2.61
CA ASP A 289 11.93 25.31 -1.78
C ASP A 289 11.30 24.04 -2.34
N LEU A 290 11.73 22.90 -1.81
CA LEU A 290 11.23 21.62 -2.31
C LEU A 290 9.81 21.35 -1.82
N ILE A 291 9.44 21.89 -0.65
CA ILE A 291 8.09 21.70 -0.16
C ILE A 291 7.09 22.43 -1.04
N ALA A 292 7.40 23.68 -1.40
CA ALA A 292 6.53 24.44 -2.29
C ALA A 292 6.52 23.83 -3.70
N ALA A 293 7.63 23.26 -4.13
CA ALA A 293 7.68 22.63 -5.46
C ALA A 293 6.78 21.42 -5.52
N ALA A 294 6.72 20.62 -4.45
CA ALA A 294 5.86 19.44 -4.44
C ALA A 294 4.39 19.85 -4.41
N LEU A 295 4.06 20.92 -3.68
CA LEU A 295 2.69 21.40 -3.66
C LEU A 295 2.26 21.93 -5.02
N ALA A 296 3.21 22.45 -5.80
CA ALA A 296 2.88 22.91 -7.16
C ALA A 296 2.51 21.74 -8.06
N LEU A 297 3.21 20.60 -7.92
CA LEU A 297 2.85 19.42 -8.68
C LEU A 297 1.51 18.85 -8.24
N ILE A 298 1.17 19.00 -6.95
CA ILE A 298 -0.14 18.58 -6.47
C ILE A 298 -1.24 19.41 -7.13
N ALA A 299 -1.01 20.72 -7.25
CA ALA A 299 -1.98 21.57 -7.93
C ALA A 299 -2.11 21.22 -9.41
N GLN A 300 -1.01 20.77 -10.03
CA GLN A 300 -1.07 20.37 -11.43
C GLN A 300 -1.93 19.12 -11.62
N ALA A 301 -1.78 18.14 -10.72
CA ALA A 301 -2.57 16.91 -10.84
C ALA A 301 -4.05 17.18 -10.62
N LEU A 302 -4.40 18.02 -9.64
CA LEU A 302 -5.80 18.33 -9.40
C LEU A 302 -6.41 19.13 -10.56
N ALA A 303 -5.61 20.01 -11.17
CA ALA A 303 -6.10 20.75 -12.33
C ALA A 303 -6.41 19.82 -13.50
N LEU A 304 -5.61 18.76 -13.65
CA LEU A 304 -5.88 17.80 -14.71
C LEU A 304 -7.10 16.94 -14.39
N ILE A 305 -7.39 16.72 -13.11
CA ILE A 305 -8.58 15.99 -12.73
C ILE A 305 -9.83 16.78 -13.10
N ALA A 306 -9.79 18.11 -12.93
CA ALA A 306 -10.91 18.94 -13.34
C ALA A 306 -11.08 18.93 -14.86
N ILE A 307 -9.96 18.91 -15.59
CA ILE A 307 -10.03 18.84 -17.05
C ILE A 307 -10.61 17.50 -17.49
N ALA A 308 -10.20 16.41 -16.83
CA ALA A 308 -10.69 15.09 -17.20
C ALA A 308 -12.18 14.96 -16.96
N LEU A 309 -12.68 15.47 -15.83
CA LEU A 309 -14.10 15.36 -15.53
C LEU A 309 -14.95 16.11 -16.55
N ALA A 310 -14.51 17.31 -16.94
CA ALA A 310 -15.29 18.10 -17.89
C ALA A 310 -15.22 17.50 -19.29
N ALA A 311 -14.05 16.99 -19.69
CA ALA A 311 -13.92 16.43 -21.03
C ALA A 311 -14.71 15.13 -21.17
N ILE A 312 -14.82 14.35 -20.09
CA ILE A 312 -15.59 13.11 -20.14
C ILE A 312 -17.07 13.43 -20.34
N ALA A 313 -17.59 14.40 -19.59
CA ALA A 313 -19.00 14.77 -19.72
C ALA A 313 -19.29 15.41 -21.08
N LEU A 314 -18.33 16.14 -21.63
CA LEU A 314 -18.50 16.74 -22.95
C LEU A 314 -18.23 15.75 -24.08
N GLY A 315 -17.59 14.62 -23.80
CA GLY A 315 -17.20 13.71 -24.84
C GLY A 315 -16.02 14.20 -25.66
N ASP A 316 -15.15 15.00 -25.08
CA ASP A 316 -14.01 15.59 -25.78
C ASP A 316 -12.83 14.64 -25.66
N GLU A 317 -12.64 13.80 -26.69
CA GLU A 317 -11.56 12.82 -26.65
C GLU A 317 -10.20 13.48 -26.86
N GLU A 318 -10.16 14.57 -27.63
CA GLU A 318 -8.88 15.25 -27.87
C GLU A 318 -8.35 15.87 -26.58
N THR A 319 -9.22 16.52 -25.80
CA THR A 319 -8.79 17.11 -24.53
C THR A 319 -8.51 16.01 -23.50
N LEU A 320 -9.30 14.92 -23.54
CA LEU A 320 -9.06 13.81 -22.63
C LEU A 320 -7.68 13.19 -22.86
N GLU A 321 -7.30 13.02 -24.13
CA GLU A 321 -5.99 12.47 -24.45
C GLU A 321 -4.87 13.42 -24.01
N GLU A 322 -5.10 14.72 -24.12
CA GLU A 322 -4.09 15.69 -23.70
C GLU A 322 -3.88 15.63 -22.19
N ALA A 323 -4.97 15.56 -21.42
CA ALA A 323 -4.83 15.50 -19.97
C ALA A 323 -4.15 14.22 -19.51
N ARG A 324 -4.37 13.11 -20.22
CA ARG A 324 -3.69 11.87 -19.88
C ARG A 324 -2.19 11.96 -20.12
N LYS A 325 -1.78 12.63 -21.20
CA LYS A 325 -0.36 12.78 -21.48
C LYS A 325 0.31 13.68 -20.45
N GLU A 326 -0.35 14.77 -20.07
CA GLU A 326 0.22 15.67 -19.07
C GLU A 326 0.24 15.02 -17.68
N ALA A 327 -0.71 14.13 -17.40
CA ALA A 327 -0.71 13.44 -16.11
C ALA A 327 0.51 12.55 -15.97
N GLU A 328 0.92 11.89 -17.05
CA GLU A 328 2.13 11.07 -17.01
C GLU A 328 3.37 11.94 -16.86
N GLU A 329 3.36 13.16 -17.41
CA GLU A 329 4.49 14.06 -17.24
C GLU A 329 4.60 14.53 -15.80
N VAL A 330 3.48 14.76 -15.13
CA VAL A 330 3.50 15.15 -13.72
C VAL A 330 4.01 14.00 -12.87
N LYS A 331 3.60 12.77 -13.19
CA LYS A 331 4.04 11.61 -12.43
C LYS A 331 5.54 11.42 -12.53
N LYS A 332 6.12 11.63 -13.72
CA LYS A 332 7.55 11.48 -13.89
C LYS A 332 8.32 12.57 -13.17
N GLU A 333 7.80 13.81 -13.21
CA GLU A 333 8.48 14.91 -12.54
C GLU A 333 8.43 14.74 -11.03
N ALA A 334 7.33 14.21 -10.50
CA ALA A 334 7.24 13.99 -9.06
C ALA A 334 8.16 12.86 -8.60
N GLU A 335 8.40 11.88 -9.46
CA GLU A 335 9.35 10.81 -9.12
C GLU A 335 10.77 11.35 -9.05
N GLU A 336 11.11 12.30 -9.92
CA GLU A 336 12.43 12.91 -9.86
C GLU A 336 12.57 13.81 -8.64
N LEU A 337 11.50 14.52 -8.27
CA LEU A 337 11.55 15.38 -7.09
C LEU A 337 11.66 14.55 -5.82
N ALA A 338 10.99 13.41 -5.76
CA ALA A 338 11.08 12.54 -4.59
C ALA A 338 12.51 12.03 -4.41
N LYS A 339 13.20 11.73 -5.52
CA LYS A 339 14.59 11.29 -5.43
C LYS A 339 15.49 12.43 -4.95
N GLU A 340 15.23 13.65 -5.43
CA GLU A 340 16.02 14.80 -4.99
C GLU A 340 15.74 15.16 -3.54
N ALA A 341 14.51 14.99 -3.09
CA ALA A 341 14.17 15.35 -1.71
C ALA A 341 14.81 14.39 -0.72
N GLU A 342 14.74 13.08 -0.98
CA GLU A 342 15.37 12.11 -0.09
C GLU A 342 16.89 12.20 -0.14
N GLN A 343 17.44 12.67 -1.26
CA GLN A 343 18.89 12.85 -1.36
C GLN A 343 19.38 13.99 -0.48
N LYS A 344 18.50 14.96 -0.19
CA LYS A 344 18.84 16.08 0.67
C LYS A 344 18.27 15.95 2.07
N GLY A 345 17.57 14.86 2.36
CA GLY A 345 17.01 14.64 3.68
C GLY A 345 15.72 15.38 3.98
N ASN A 346 15.00 15.82 2.95
CA ASN A 346 13.73 16.53 3.12
C ASN A 346 12.61 15.51 3.02
N GLU A 347 12.29 14.87 4.14
CA GLU A 347 11.27 13.82 4.15
C GLU A 347 9.87 14.39 3.93
N ILE A 348 9.64 15.65 4.29
CA ILE A 348 8.33 16.26 4.11
C ILE A 348 8.05 16.47 2.62
N ALA A 349 9.02 17.02 1.89
CA ALA A 349 8.85 17.21 0.46
C ALA A 349 8.80 15.87 -0.28
N ALA A 350 9.55 14.88 0.19
CA ALA A 350 9.51 13.57 -0.44
C ALA A 350 8.14 12.92 -0.28
N ALA A 351 7.50 13.10 0.88
CA ALA A 351 6.18 12.54 1.09
C ALA A 351 5.13 13.31 0.28
N LEU A 352 5.29 14.63 0.17
CA LEU A 352 4.36 15.42 -0.64
C LEU A 352 4.48 15.08 -2.12
N ALA A 353 5.69 14.74 -2.59
CA ALA A 353 5.86 14.31 -3.96
C ALA A 353 5.17 12.99 -4.23
N GLU A 354 5.09 12.12 -3.21
CA GLU A 354 4.36 10.86 -3.36
C GLU A 354 2.86 11.10 -3.47
N ILE A 355 2.35 12.16 -2.81
CA ILE A 355 0.94 12.49 -2.93
C ILE A 355 0.61 12.94 -4.35
N ALA A 356 1.53 13.67 -4.98
CA ALA A 356 1.32 14.10 -6.36
C ALA A 356 1.32 12.91 -7.31
N ILE A 357 2.11 11.88 -7.02
CA ILE A 357 2.12 10.68 -7.86
C ILE A 357 0.77 9.98 -7.78
N ALA A 358 0.25 9.79 -6.56
CA ALA A 358 -1.04 9.13 -6.39
C ALA A 358 -2.18 9.97 -6.97
N LEU A 359 -2.08 11.29 -6.89
CA LEU A 359 -3.10 12.14 -7.50
C LEU A 359 -3.07 12.05 -9.02
N ALA A 360 -1.86 11.99 -9.60
CA ALA A 360 -1.74 11.83 -11.04
C ALA A 360 -2.27 10.47 -11.50
N GLU A 361 -2.12 9.44 -10.66
CA GLU A 361 -2.65 8.12 -11.00
C GLU A 361 -4.17 8.10 -10.94
N ILE A 362 -4.77 8.93 -10.08
CA ILE A 362 -6.22 9.04 -10.03
C ILE A 362 -6.75 9.65 -11.32
N ALA A 363 -6.08 10.68 -11.83
CA ALA A 363 -6.49 11.28 -13.10
C ALA A 363 -6.36 10.29 -14.24
N ILE A 364 -5.30 9.45 -14.22
CA ILE A 364 -5.15 8.43 -15.25
C ILE A 364 -6.27 7.40 -15.14
N ALA A 365 -6.64 7.03 -13.91
CA ALA A 365 -7.74 6.09 -13.72
C ALA A 365 -9.06 6.66 -14.21
N LEU A 366 -9.25 7.98 -14.08
CA LEU A 366 -10.46 8.60 -14.58
C LEU A 366 -10.53 8.54 -16.10
N VAL A 367 -9.38 8.68 -16.77
CA VAL A 367 -9.35 8.59 -18.23
C VAL A 367 -9.67 7.17 -18.68
N GLU A 368 -9.14 6.17 -17.97
CA GLU A 368 -9.41 4.78 -18.34
C GLU A 368 -10.86 4.40 -18.08
N ILE A 369 -11.51 5.06 -17.13
CA ILE A 369 -12.92 4.76 -16.85
C ILE A 369 -13.79 5.13 -18.03
N ALA A 370 -13.50 6.26 -18.69
CA ALA A 370 -14.31 6.71 -19.82
C ALA A 370 -13.97 5.99 -21.12
N LYS A 371 -12.84 5.30 -21.18
CA LYS A 371 -12.43 4.61 -22.40
C LYS A 371 -13.27 3.35 -22.57
N LYS A 372 -14.20 3.37 -23.52
CA LYS A 372 -15.05 2.21 -23.79
C LYS A 372 -16.02 1.95 -22.66
N HIS B 3 12.68 -3.30 19.05
CA HIS B 3 13.41 -2.33 18.25
C HIS B 3 12.52 -1.70 17.18
N MET B 4 12.72 -0.40 16.94
CA MET B 4 11.89 0.30 15.97
C MET B 4 12.33 0.06 14.54
N LEU B 5 13.63 -0.17 14.32
CA LEU B 5 14.12 -0.42 12.97
C LEU B 5 13.73 -1.82 12.48
N ILE B 6 13.66 -2.80 13.39
CA ILE B 6 13.25 -4.14 13.00
C ILE B 6 11.77 -4.16 12.64
N ALA B 7 10.94 -3.51 13.47
CA ALA B 7 9.51 -3.46 13.19
C ALA B 7 9.22 -2.68 11.91
N GLU B 8 10.01 -1.65 11.61
CA GLU B 8 9.81 -0.90 10.38
C GLU B 8 10.10 -1.75 9.15
N ALA B 9 11.12 -2.62 9.23
CA ALA B 9 11.45 -3.48 8.11
C ALA B 9 10.38 -4.55 7.91
N LEU B 10 9.81 -5.06 9.01
CA LEU B 10 8.76 -6.07 8.90
C LEU B 10 7.50 -5.49 8.28
N GLU B 11 7.21 -4.20 8.51
CA GLU B 11 6.07 -3.58 7.86
C GLU B 11 6.26 -3.47 6.35
N LEU B 12 7.49 -3.22 5.92
CA LEU B 12 7.77 -3.19 4.48
C LEU B 12 7.68 -4.59 3.88
N ILE B 13 7.96 -5.63 4.66
CA ILE B 13 7.81 -6.99 4.17
C ILE B 13 6.35 -7.30 3.90
N ALA B 14 5.45 -6.90 4.79
CA ALA B 14 4.03 -7.14 4.58
C ALA B 14 3.51 -6.36 3.38
N GLU B 15 3.99 -5.13 3.19
CA GLU B 15 3.58 -4.35 2.03
C GLU B 15 4.08 -4.97 0.72
N ALA B 16 5.26 -5.59 0.74
CA ALA B 16 5.76 -6.25 -0.45
C ALA B 16 4.93 -7.48 -0.79
N LEU B 17 4.45 -8.20 0.23
CA LEU B 17 3.59 -9.34 -0.02
C LEU B 17 2.25 -8.93 -0.61
N PHE B 18 1.77 -7.73 -0.26
CA PHE B 18 0.54 -7.22 -0.86
C PHE B 18 0.71 -7.01 -2.35
N ALA B 19 1.88 -6.53 -2.77
CA ALA B 19 2.15 -6.34 -4.20
C ALA B 19 2.25 -7.67 -4.92
N ILE B 20 2.73 -8.72 -4.24
CA ILE B 20 2.80 -10.04 -4.86
C ILE B 20 1.40 -10.58 -5.12
N ALA B 21 0.48 -10.40 -4.16
CA ALA B 21 -0.90 -10.83 -4.35
C ALA B 21 -1.56 -10.07 -5.50
N LEU B 22 -1.23 -8.78 -5.65
CA LEU B 22 -1.75 -8.02 -6.78
C LEU B 22 -1.20 -8.57 -8.10
N ALA B 23 0.09 -8.92 -8.13
CA ALA B 23 0.66 -9.48 -9.34
C ALA B 23 0.16 -10.89 -9.62
N LEU B 24 -0.14 -11.66 -8.56
CA LEU B 24 -0.68 -13.00 -8.76
C LEU B 24 -2.10 -12.94 -9.32
N LEU B 25 -2.90 -11.96 -8.86
CA LEU B 25 -4.26 -11.83 -9.37
C LEU B 25 -4.27 -11.29 -10.80
N ALA B 26 -3.24 -10.54 -11.19
CA ALA B 26 -3.15 -10.03 -12.55
C ALA B 26 -2.69 -11.07 -13.56
N ILE B 27 -2.21 -12.22 -13.09
CA ILE B 27 -1.80 -13.29 -14.00
C ILE B 27 -2.99 -14.17 -14.39
N ALA B 28 -3.78 -14.59 -13.40
CA ALA B 28 -4.96 -15.41 -13.68
C ALA B 28 -6.04 -14.60 -14.39
N LYS B 29 -6.19 -13.33 -14.05
CA LYS B 29 -7.18 -12.48 -14.69
C LYS B 29 -6.68 -11.86 -15.99
N LYS B 30 -5.36 -11.71 -16.14
CA LYS B 30 -4.74 -11.09 -17.31
C LYS B 30 -5.27 -9.67 -17.52
N ASP B 31 -4.81 -8.79 -16.63
CA ASP B 31 -5.22 -7.39 -16.64
C ASP B 31 -3.97 -6.51 -16.53
N LYS B 32 -3.73 -5.70 -17.55
CA LYS B 32 -2.56 -4.83 -17.59
C LYS B 32 -2.68 -3.72 -16.56
N LEU B 34 -4.15 -4.13 -13.42
CA LEU B 34 -3.85 -4.60 -12.07
C LEU B 34 -2.36 -4.86 -11.89
N ALA B 35 -1.71 -5.35 -12.94
CA ALA B 35 -0.27 -5.63 -12.86
C ALA B 35 0.55 -4.34 -12.86
N LYS B 36 0.04 -3.27 -13.46
CA LYS B 36 0.75 -1.99 -13.42
C LYS B 36 0.65 -1.34 -12.05
N LYS B 37 -0.45 -1.58 -11.33
CA LYS B 37 -0.57 -1.07 -9.97
C LYS B 37 0.39 -1.78 -9.03
N ALA B 38 0.62 -3.07 -9.25
CA ALA B 38 1.57 -3.81 -8.43
C ALA B 38 3.00 -3.35 -8.68
N VAL B 39 3.30 -2.88 -9.90
CA VAL B 39 4.65 -2.39 -10.19
C VAL B 39 4.92 -1.12 -9.39
N GLU B 40 3.98 -0.18 -9.40
CA GLU B 40 4.18 1.07 -8.66
C GLU B 40 4.32 0.81 -7.17
N LEU B 41 3.57 -0.15 -6.64
CA LEU B 41 3.70 -0.49 -5.22
C LEU B 41 5.02 -1.19 -4.94
N ALA B 42 5.50 -2.00 -5.89
CA ALA B 42 6.75 -2.73 -5.68
C ALA B 42 7.95 -1.78 -5.74
N GLU B 43 7.92 -0.82 -6.64
CA GLU B 43 9.03 0.13 -6.74
C GLU B 43 9.10 1.04 -5.52
N LYS B 44 7.95 1.38 -4.93
CA LYS B 44 7.96 2.21 -3.73
C LYS B 44 8.53 1.46 -2.54
N VAL B 45 8.17 0.18 -2.37
CA VAL B 45 8.72 -0.62 -1.29
C VAL B 45 10.22 -0.83 -1.48
N TYR B 46 10.66 -1.02 -2.73
CA TYR B 46 12.07 -1.18 -3.01
C TYR B 46 12.87 0.05 -2.61
N LYS B 47 12.35 1.24 -2.93
CA LYS B 47 13.06 2.46 -2.59
C LYS B 47 13.04 2.72 -1.08
N GLU B 48 11.92 2.44 -0.42
CA GLU B 48 11.83 2.67 1.02
C GLU B 48 12.72 1.71 1.79
N ALA B 49 12.80 0.45 1.34
CA ALA B 49 13.64 -0.51 2.04
C ALA B 49 15.13 -0.22 1.84
N GLU B 50 15.48 0.43 0.73
CA GLU B 50 16.88 0.80 0.51
C GLU B 50 17.35 1.86 1.49
N GLU B 51 16.48 2.84 1.80
CA GLU B 51 16.84 3.86 2.78
C GLU B 51 16.93 3.28 4.18
N LEU B 52 16.06 2.32 4.51
CA LEU B 52 16.13 1.69 5.82
C LEU B 52 17.38 0.82 5.96
N TYR B 53 17.80 0.18 4.87
CA TYR B 53 19.01 -0.64 4.91
C TYR B 53 20.24 0.21 5.17
N LYS B 54 20.31 1.40 4.56
CA LYS B 54 21.47 2.27 4.77
C LYS B 54 21.50 2.80 6.19
N LYS B 55 20.34 3.12 6.76
CA LYS B 55 20.30 3.60 8.14
C LYS B 55 20.69 2.51 9.13
N ALA B 56 20.20 1.29 8.92
CA ALA B 56 20.54 0.19 9.81
C ALA B 56 22.02 -0.18 9.71
N LYS B 57 22.56 -0.17 8.49
CA LYS B 57 23.98 -0.47 8.32
C LYS B 57 24.85 0.62 8.93
N LYS B 58 24.42 1.88 8.83
CA LYS B 58 25.18 2.98 9.42
C LYS B 58 25.19 2.92 10.94
N LYS B 59 24.16 2.32 11.52
CA LYS B 59 24.08 2.19 12.98
C LYS B 59 24.55 0.82 13.44
N ASP B 61 22.77 -2.08 13.06
CA ASP B 61 21.69 -3.04 13.18
C ASP B 61 21.69 -4.02 12.01
N LEU B 62 22.37 -5.15 12.19
CA LEU B 62 22.46 -6.13 11.11
C LEU B 62 21.14 -6.86 10.88
N ILE B 63 20.34 -7.03 11.94
CA ILE B 63 19.06 -7.70 11.79
C ILE B 63 18.10 -6.85 10.98
N ALA B 64 18.03 -5.54 11.28
CA ALA B 64 17.18 -4.64 10.52
C ALA B 64 17.67 -4.51 9.08
N ALA B 65 18.99 -4.52 8.88
CA ALA B 65 19.53 -4.43 7.53
C ALA B 65 19.21 -5.68 6.73
N ALA B 66 19.23 -6.85 7.37
CA ALA B 66 18.91 -8.09 6.66
C ALA B 66 17.43 -8.17 6.34
N LEU B 67 16.56 -7.76 7.27
CA LEU B 67 15.13 -7.75 7.00
C LEU B 67 14.78 -6.74 5.91
N ALA B 68 15.55 -5.65 5.80
CA ALA B 68 15.32 -4.69 4.72
C ALA B 68 15.62 -5.31 3.36
N LEU B 69 16.66 -6.15 3.29
CA LEU B 69 16.97 -6.83 2.04
C LEU B 69 15.92 -7.88 1.70
N ILE B 70 15.30 -8.50 2.71
CA ILE B 70 14.24 -9.47 2.45
C ILE B 70 13.04 -8.77 1.82
N ALA B 71 12.69 -7.59 2.32
CA ALA B 71 11.62 -6.81 1.70
C ALA B 71 12.01 -6.36 0.31
N GLN B 72 13.29 -6.07 0.09
CA GLN B 72 13.76 -5.69 -1.24
C GLN B 72 13.65 -6.87 -2.21
N ALA B 73 13.89 -8.09 -1.73
CA ALA B 73 13.79 -9.26 -2.58
C ALA B 73 12.34 -9.58 -2.91
N LEU B 74 11.44 -9.42 -1.94
CA LEU B 74 10.02 -9.67 -2.20
C LEU B 74 9.45 -8.64 -3.16
N ALA B 75 9.99 -7.42 -3.18
CA ALA B 75 9.55 -6.43 -4.15
C ALA B 75 9.98 -6.81 -5.57
N ALA B 76 11.16 -7.41 -5.70
CA ALA B 76 11.61 -7.85 -7.02
C ALA B 76 10.81 -9.04 -7.52
N ILE B 77 10.32 -9.88 -6.61
CA ILE B 77 9.48 -11.01 -7.01
C ILE B 77 8.19 -10.51 -7.63
N ALA B 78 7.57 -9.50 -7.02
CA ALA B 78 6.33 -8.96 -7.56
C ALA B 78 6.55 -8.29 -8.91
N LEU B 79 7.72 -7.69 -9.12
CA LEU B 79 8.02 -7.08 -10.42
C LEU B 79 8.17 -8.15 -11.49
N ALA B 80 8.76 -9.30 -11.15
CA ALA B 80 8.90 -10.38 -12.12
C ALA B 80 7.55 -11.00 -12.44
N LEU B 81 6.69 -11.15 -11.44
CA LEU B 81 5.36 -11.70 -11.68
C LEU B 81 4.52 -10.74 -12.53
N ALA B 82 4.68 -9.43 -12.32
CA ALA B 82 3.97 -8.47 -13.16
C ALA B 82 4.51 -8.47 -14.58
N ALA B 83 5.78 -8.79 -14.77
CA ALA B 83 6.32 -8.92 -16.12
C ALA B 83 5.72 -10.11 -16.84
N ILE B 84 5.43 -11.19 -16.12
CA ILE B 84 4.79 -12.36 -16.71
C ILE B 84 3.34 -12.04 -17.08
N ALA B 85 2.69 -11.15 -16.35
CA ALA B 85 1.33 -10.82 -16.73
C ALA B 85 1.32 -9.79 -17.84
N LEU B 86 2.30 -8.91 -17.82
CA LEU B 86 2.36 -7.86 -18.79
C LEU B 86 3.14 -8.18 -20.03
N LYS B 87 3.87 -9.28 -20.00
CA LYS B 87 4.72 -9.68 -21.11
C LYS B 87 5.62 -8.55 -21.57
N ASP B 88 6.34 -7.91 -20.65
CA ASP B 88 7.26 -6.83 -21.00
C ASP B 88 8.66 -7.27 -20.65
N LYS B 89 9.56 -7.37 -21.64
CA LYS B 89 10.90 -7.88 -21.38
C LYS B 89 11.76 -6.84 -20.69
N GLU B 90 11.50 -5.56 -20.94
CA GLU B 90 12.28 -4.50 -20.29
C GLU B 90 12.03 -4.48 -18.79
N LEU B 91 10.80 -4.74 -18.37
CA LEU B 91 10.52 -4.80 -16.93
C LEU B 91 11.06 -6.08 -16.32
N ALA B 92 11.06 -7.18 -17.08
CA ALA B 92 11.69 -8.41 -16.59
C ALA B 92 13.19 -8.25 -16.44
N LYS B 93 13.81 -7.40 -17.26
CA LYS B 93 15.24 -7.16 -17.13
C LYS B 93 15.54 -6.30 -15.91
N LYS B 94 14.65 -5.35 -15.59
CA LYS B 94 14.85 -4.51 -14.42
C LYS B 94 14.70 -5.32 -13.14
N ALA B 95 13.71 -6.22 -13.09
CA ALA B 95 13.54 -7.08 -11.92
C ALA B 95 14.73 -8.01 -11.75
N TYR B 96 15.30 -8.51 -12.85
CA TYR B 96 16.49 -9.34 -12.76
C TYR B 96 17.69 -8.56 -12.24
N LYS B 97 17.88 -7.33 -12.74
CA LYS B 97 18.99 -6.51 -12.28
C LYS B 97 18.81 -6.09 -10.83
N LEU B 98 17.59 -5.74 -10.45
CA LEU B 98 17.33 -5.34 -9.06
C LEU B 98 17.51 -6.51 -8.10
N ALA B 99 17.09 -7.71 -8.51
CA ALA B 99 17.28 -8.89 -7.67
C ALA B 99 18.75 -9.28 -7.58
N GLU B 100 19.52 -9.03 -8.64
CA GLU B 100 20.95 -9.34 -8.61
C GLU B 100 21.70 -8.43 -7.65
N GLU B 101 21.28 -7.17 -7.56
CA GLU B 101 21.93 -6.24 -6.63
C GLU B 101 21.65 -6.62 -5.18
N VAL B 102 20.46 -7.15 -4.90
CA VAL B 102 20.13 -7.60 -3.55
C VAL B 102 21.00 -8.80 -3.18
N TYR B 103 21.22 -9.72 -4.13
CA TYR B 103 22.05 -10.89 -3.86
C TYR B 103 23.47 -10.49 -3.48
N LYS B 104 24.03 -9.48 -4.17
CA LYS B 104 25.38 -9.03 -3.85
C LYS B 104 25.42 -8.31 -2.50
N LYS B 105 24.37 -7.54 -2.19
CA LYS B 105 24.35 -6.82 -0.92
C LYS B 105 24.18 -7.79 0.25
N ALA B 106 23.32 -8.81 0.08
CA ALA B 106 23.13 -9.78 1.15
C ALA B 106 24.37 -10.66 1.34
N GLU B 107 25.14 -10.88 0.28
CA GLU B 107 26.36 -11.66 0.41
C GLU B 107 27.37 -10.96 1.30
N LYS B 108 27.51 -9.64 1.16
CA LYS B 108 28.44 -8.90 2.01
C LYS B 108 27.96 -8.88 3.46
N LEU B 109 26.65 -8.79 3.68
CA LEU B 109 26.13 -8.79 5.04
C LEU B 109 26.31 -10.14 5.70
N TYR B 110 26.18 -11.23 4.94
CA TYR B 110 26.40 -12.56 5.49
C TYR B 110 27.85 -12.74 5.91
N GLU B 111 28.79 -12.18 5.14
CA GLU B 111 30.21 -12.27 5.51
C GLU B 111 30.50 -11.49 6.77
N GLU B 112 29.95 -10.28 6.88
CA GLU B 112 30.17 -9.46 8.08
C GLU B 112 29.53 -10.09 9.31
N ALA B 113 28.33 -10.64 9.16
CA ALA B 113 27.65 -11.26 10.29
C ALA B 113 28.33 -12.57 10.70
N LYS B 114 28.88 -13.31 9.74
CA LYS B 114 29.55 -14.56 10.06
C LYS B 114 30.84 -14.32 10.84
N LYS B 115 31.58 -13.26 10.49
CA LYS B 115 32.82 -12.98 11.20
C LYS B 115 32.56 -12.50 12.62
N LYS B 116 31.43 -11.86 12.86
CA LYS B 116 31.09 -11.38 14.20
C LYS B 116 30.39 -12.48 15.00
N ASP B 118 27.12 -13.21 14.95
CA ASP B 118 25.67 -13.09 14.85
C ASP B 118 25.11 -14.13 13.90
N LEU B 119 24.79 -15.31 14.42
CA LEU B 119 24.27 -16.39 13.59
C LEU B 119 22.86 -16.08 13.10
N ILE B 120 22.07 -15.34 13.89
CA ILE B 120 20.71 -15.01 13.48
C ILE B 120 20.74 -14.05 12.30
N ALA B 121 21.58 -13.01 12.38
CA ALA B 121 21.67 -12.05 11.28
C ALA B 121 22.24 -12.68 10.02
N ALA B 122 23.14 -13.66 10.18
CA ALA B 122 23.71 -14.33 9.00
C ALA B 122 22.67 -15.20 8.31
N ALA B 123 21.81 -15.85 9.08
CA ALA B 123 20.77 -16.69 8.49
C ALA B 123 19.74 -15.85 7.74
N LEU B 124 19.39 -14.68 8.29
CA LEU B 124 18.46 -13.79 7.62
C LEU B 124 19.04 -13.28 6.31
N ALA B 125 20.36 -13.07 6.24
CA ALA B 125 20.99 -12.65 5.00
C ALA B 125 20.90 -13.75 3.94
N LEU B 126 21.00 -15.01 4.35
CA LEU B 126 20.85 -16.10 3.40
C LEU B 126 19.41 -16.25 2.93
N ILE B 127 18.45 -15.87 3.77
CA ILE B 127 17.05 -15.90 3.35
C ILE B 127 16.80 -14.84 2.28
N ALA B 128 17.39 -13.66 2.43
CA ALA B 128 17.26 -12.63 1.41
C ALA B 128 17.90 -13.05 0.09
N GLN B 129 19.00 -13.80 0.15
CA GLN B 129 19.63 -14.30 -1.07
C GLN B 129 18.76 -15.32 -1.77
N ALA B 130 18.13 -16.21 -1.00
CA ALA B 130 17.26 -17.23 -1.60
C ALA B 130 16.03 -16.60 -2.23
N LEU B 131 15.44 -15.59 -1.57
CA LEU B 131 14.28 -14.91 -2.13
C LEU B 131 14.66 -14.14 -3.38
N ALA B 132 15.87 -13.58 -3.43
CA ALA B 132 16.32 -12.87 -4.62
C ALA B 132 16.49 -13.84 -5.79
N LEU B 133 16.88 -15.08 -5.53
CA LEU B 133 17.01 -16.06 -6.60
C LEU B 133 15.65 -16.50 -7.13
N ILE B 134 14.60 -16.44 -6.29
CA ILE B 134 13.26 -16.72 -6.78
C ILE B 134 12.82 -15.64 -7.76
N ALA B 135 13.19 -14.38 -7.50
CA ALA B 135 12.88 -13.30 -8.43
C ALA B 135 13.67 -13.46 -9.73
N LEU B 136 14.92 -13.90 -9.64
CA LEU B 136 15.72 -14.10 -10.84
C LEU B 136 15.16 -15.23 -11.69
N ALA B 137 14.65 -16.29 -11.05
CA ALA B 137 14.05 -17.40 -11.80
C ALA B 137 12.79 -16.94 -12.51
N LEU B 138 11.91 -16.22 -11.80
CA LEU B 138 10.68 -15.74 -12.40
C LEU B 138 10.96 -14.72 -13.51
N ALA B 139 11.94 -13.85 -13.30
CA ALA B 139 12.30 -12.89 -14.34
C ALA B 139 12.89 -13.60 -15.56
N ALA B 140 13.66 -14.66 -15.35
CA ALA B 140 14.20 -15.42 -16.47
C ALA B 140 13.10 -16.19 -17.20
N ILE B 141 12.06 -16.60 -16.49
CA ILE B 141 10.93 -17.26 -17.13
C ILE B 141 10.21 -16.30 -18.07
N ALA B 142 10.03 -15.05 -17.64
CA ALA B 142 9.40 -14.05 -18.50
C ALA B 142 10.26 -13.72 -19.71
N LEU B 143 11.58 -13.84 -19.59
CA LEU B 143 12.48 -13.59 -20.70
C LEU B 143 12.67 -14.86 -21.53
N ASP B 145 15.15 -17.61 -21.65
CA ASP B 145 16.54 -17.38 -21.30
C ASP B 145 17.14 -18.49 -20.46
N LYS B 146 17.44 -19.59 -21.12
CA LYS B 146 17.99 -20.77 -20.51
C LYS B 146 19.31 -20.60 -19.79
N GLU B 147 20.16 -19.72 -20.27
CA GLU B 147 21.43 -19.47 -19.59
C GLU B 147 21.21 -18.82 -18.24
N LYS B 148 20.26 -17.88 -18.15
CA LYS B 148 19.97 -17.25 -16.87
C LYS B 148 19.32 -18.23 -15.90
N LEU B 149 18.51 -19.16 -16.40
CA LEU B 149 17.90 -20.16 -15.54
C LEU B 149 18.95 -21.11 -14.97
N LYS B 150 19.99 -21.43 -15.75
CA LYS B 150 21.05 -22.30 -15.25
C LYS B 150 21.89 -21.60 -14.19
N GLU B 151 22.04 -20.27 -14.29
CA GLU B 151 22.77 -19.53 -13.28
C GLU B 151 22.04 -19.52 -11.94
N VAL B 152 20.71 -19.51 -11.96
CA VAL B 152 19.94 -19.52 -10.72
C VAL B 152 20.17 -20.82 -9.96
N ILE B 153 20.24 -21.95 -10.68
CA ILE B 153 20.42 -23.24 -10.03
C ILE B 153 21.79 -23.31 -9.37
N GLU B 154 22.82 -22.80 -10.03
CA GLU B 154 24.17 -22.87 -9.48
C GLU B 154 24.30 -21.97 -8.26
N LYS B 155 23.78 -20.74 -8.35
CA LYS B 155 23.87 -19.82 -7.22
C LYS B 155 23.03 -20.31 -6.04
N ALA B 156 21.87 -20.90 -6.32
CA ALA B 156 21.02 -21.40 -5.24
C ALA B 156 21.63 -22.62 -4.56
N LYS B 157 22.43 -23.40 -5.29
CA LYS B 157 23.13 -24.51 -4.67
C LYS B 157 24.18 -24.03 -3.68
N GLU B 158 24.79 -22.88 -3.94
CA GLU B 158 25.74 -22.32 -2.98
C GLU B 158 25.04 -21.83 -1.72
N VAL B 159 23.85 -21.25 -1.88
CA VAL B 159 23.08 -20.82 -0.71
C VAL B 159 22.67 -22.03 0.13
N TYR B 160 22.29 -23.12 -0.53
CA TYR B 160 21.91 -24.33 0.19
C TYR B 160 23.07 -24.88 1.01
N LYS B 161 24.28 -24.84 0.44
CA LYS B 161 25.44 -25.35 1.16
C LYS B 161 25.84 -24.44 2.32
N LYS B 162 25.73 -23.13 2.13
CA LYS B 162 26.05 -22.19 3.20
C LYS B 162 25.09 -22.32 4.37
N ALA B 163 23.81 -22.57 4.08
CA ALA B 163 22.84 -22.72 5.15
C ALA B 163 23.05 -24.01 5.94
N GLU B 164 23.58 -25.05 5.28
CA GLU B 164 23.86 -26.29 5.99
C GLU B 164 25.01 -26.12 6.98
N GLU B 165 26.05 -25.40 6.58
CA GLU B 165 27.15 -25.13 7.49
C GLU B 165 26.71 -24.24 8.65
N LEU B 166 25.83 -23.28 8.37
CA LEU B 166 25.31 -22.43 9.44
C LEU B 166 24.38 -23.20 10.37
N TYR B 167 23.61 -24.14 9.83
CA TYR B 167 22.73 -24.95 10.67
C TYR B 167 23.51 -25.83 11.62
N LYS B 168 24.59 -26.46 11.13
CA LYS B 168 25.41 -27.31 11.99
C LYS B 168 26.13 -26.49 13.06
N GLU B 169 26.59 -25.29 12.70
CA GLU B 169 27.26 -24.43 13.68
C GLU B 169 26.28 -23.93 14.73
N ALA B 170 25.05 -23.59 14.32
CA ALA B 170 24.06 -23.11 15.27
C ALA B 170 23.60 -24.23 16.22
N GLU B 171 23.54 -25.46 15.72
CA GLU B 171 23.13 -26.57 16.57
C GLU B 171 24.17 -26.89 17.63
N LYS B 172 25.44 -26.67 17.33
CA LYS B 172 26.49 -26.92 18.32
C LYS B 172 26.50 -25.86 19.40
N LYS B 173 26.08 -24.64 19.09
CA LYS B 173 26.03 -23.56 20.06
C LYS B 173 24.68 -23.54 20.78
N ASP B 175 21.79 -22.35 19.76
CA ASP B 175 20.95 -21.34 19.13
C ASP B 175 19.97 -21.99 18.17
N LEU B 176 18.80 -22.37 18.70
CA LEU B 176 17.78 -23.04 17.89
C LEU B 176 17.03 -22.08 16.98
N ILE B 177 17.06 -20.77 17.28
CA ILE B 177 16.42 -19.80 16.40
C ILE B 177 17.19 -19.66 15.09
N ALA B 178 18.53 -19.57 15.19
CA ALA B 178 19.34 -19.47 13.98
C ALA B 178 19.31 -20.75 13.17
N ALA B 179 19.19 -21.90 13.85
CA ALA B 179 19.11 -23.17 13.13
C ALA B 179 17.81 -23.27 12.33
N ALA B 180 16.71 -22.79 12.91
CA ALA B 180 15.44 -22.81 12.19
C ALA B 180 15.44 -21.82 11.03
N LEU B 181 16.07 -20.66 11.21
CA LEU B 181 16.17 -19.69 10.11
C LEU B 181 17.05 -20.21 8.98
N ALA B 182 18.08 -21.00 9.31
CA ALA B 182 18.91 -21.59 8.28
C ALA B 182 18.13 -22.61 7.45
N LEU B 183 17.26 -23.38 8.10
CA LEU B 183 16.43 -24.34 7.38
C LEU B 183 15.41 -23.64 6.50
N ILE B 184 15.00 -22.43 6.88
CA ILE B 184 14.09 -21.66 6.04
C ILE B 184 14.78 -21.26 4.74
N ALA B 185 16.04 -20.83 4.82
CA ALA B 185 16.78 -20.46 3.62
C ALA B 185 17.02 -21.67 2.71
N GLN B 186 17.17 -22.86 3.29
CA GLN B 186 17.34 -24.06 2.47
C GLN B 186 16.07 -24.38 1.69
N ALA B 187 14.91 -24.29 2.34
CA ALA B 187 13.66 -24.57 1.67
C ALA B 187 13.36 -23.55 0.58
N LEU B 188 13.68 -22.28 0.83
CA LEU B 188 13.48 -21.25 -0.18
C LEU B 188 14.42 -21.42 -1.37
N ALA B 189 15.65 -21.88 -1.12
CA ALA B 189 16.58 -22.11 -2.22
C ALA B 189 16.12 -23.26 -3.10
N LEU B 190 15.52 -24.28 -2.52
CA LEU B 190 15.00 -25.40 -3.31
C LEU B 190 13.80 -24.96 -4.15
N ILE B 191 13.03 -23.99 -3.67
CA ILE B 191 11.92 -23.46 -4.46
C ILE B 191 12.45 -22.73 -5.68
N ALA B 192 13.57 -22.01 -5.52
CA ALA B 192 14.17 -21.31 -6.66
C ALA B 192 14.68 -22.29 -7.71
N ILE B 193 15.27 -23.40 -7.28
CA ILE B 193 15.73 -24.40 -8.24
C ILE B 193 14.55 -25.06 -8.93
N ALA B 194 13.49 -25.37 -8.17
CA ALA B 194 12.33 -26.03 -8.75
C ALA B 194 11.69 -25.19 -9.84
N LEU B 195 11.56 -23.88 -9.61
CA LEU B 195 10.99 -23.01 -10.62
C LEU B 195 11.87 -22.97 -11.87
N ALA B 196 13.19 -22.96 -11.68
CA ALA B 196 14.09 -22.94 -12.83
C ALA B 196 14.11 -24.29 -13.55
N ALA B 197 14.02 -25.39 -12.79
CA ALA B 197 14.04 -26.71 -13.41
C ALA B 197 12.75 -26.99 -14.17
N ILE B 198 11.64 -26.41 -13.75
CA ILE B 198 10.37 -26.59 -14.47
C ILE B 198 10.45 -25.95 -15.85
N ALA B 199 10.98 -24.73 -15.93
CA ALA B 199 11.09 -24.06 -17.21
C ALA B 199 12.10 -24.74 -18.13
N LEU B 200 13.12 -25.39 -17.57
CA LEU B 200 14.11 -26.10 -18.36
C LEU B 200 13.71 -27.53 -18.68
N GLY B 201 12.72 -28.08 -17.99
CA GLY B 201 12.29 -29.44 -18.22
C GLY B 201 13.28 -30.49 -17.73
N ASP B 202 13.89 -30.26 -16.57
CA ASP B 202 14.86 -31.18 -16.00
C ASP B 202 14.15 -32.06 -14.99
N GLU B 203 13.79 -33.27 -15.41
CA GLU B 203 13.04 -34.17 -14.53
C GLU B 203 13.92 -34.70 -13.41
N GLU B 204 15.18 -35.01 -13.70
CA GLU B 204 16.07 -35.54 -12.67
C GLU B 204 16.35 -34.49 -11.60
N THR B 205 16.50 -33.23 -11.99
CA THR B 205 16.70 -32.17 -11.01
C THR B 205 15.46 -31.97 -10.15
N LEU B 206 14.27 -32.06 -10.77
CA LEU B 206 13.03 -31.94 -10.01
C LEU B 206 12.86 -33.11 -9.05
N LYS B 207 13.32 -34.30 -9.43
CA LYS B 207 13.26 -35.45 -8.54
C LYS B 207 14.21 -35.28 -7.36
N GLU B 208 15.37 -34.66 -7.60
CA GLU B 208 16.32 -34.44 -6.51
C GLU B 208 15.85 -33.32 -5.58
N VAL B 209 15.15 -32.33 -6.12
CA VAL B 209 14.60 -31.27 -5.28
C VAL B 209 13.53 -31.84 -4.35
N LYS B 210 12.70 -32.76 -4.86
CA LYS B 210 11.63 -33.33 -4.06
C LYS B 210 12.18 -34.13 -2.89
N GLU B 211 13.24 -34.91 -3.12
CA GLU B 211 13.81 -35.73 -2.06
C GLU B 211 14.61 -34.88 -1.08
N LYS B 212 15.36 -33.89 -1.58
CA LYS B 212 16.14 -33.04 -0.70
C LYS B 212 15.26 -32.14 0.15
N ALA B 213 14.08 -31.76 -0.36
CA ALA B 213 13.15 -30.99 0.45
C ALA B 213 12.56 -31.83 1.58
N LYS B 214 12.45 -33.14 1.37
CA LYS B 214 12.01 -34.02 2.46
C LYS B 214 13.04 -34.06 3.58
N GLU B 215 14.33 -33.98 3.24
CA GLU B 215 15.37 -33.95 4.26
C GLU B 215 15.26 -32.68 5.11
N VAL B 216 14.99 -31.54 4.47
CA VAL B 216 14.78 -30.30 5.22
C VAL B 216 13.54 -30.43 6.10
N TYR B 217 12.52 -31.14 5.62
CA TYR B 217 11.29 -31.31 6.38
C TYR B 217 11.55 -32.12 7.65
N GLU B 218 12.38 -33.16 7.56
CA GLU B 218 12.69 -33.95 8.76
C GLU B 218 13.62 -33.18 9.70
N LYS B 219 14.54 -32.40 9.15
CA LYS B 219 15.43 -31.61 10.00
C LYS B 219 14.66 -30.52 10.75
N ALA B 220 13.68 -29.92 10.09
CA ALA B 220 12.87 -28.90 10.76
C ALA B 220 11.97 -29.51 11.82
N LYS B 221 11.58 -30.78 11.66
CA LYS B 221 10.80 -31.47 12.69
C LYS B 221 11.65 -31.73 13.94
N LYS B 222 12.94 -32.00 13.77
CA LYS B 222 13.80 -32.24 14.92
C LYS B 222 14.04 -30.96 15.71
N VAL B 223 14.23 -29.84 15.00
CA VAL B 223 14.44 -28.56 15.68
C VAL B 223 13.16 -28.14 16.42
N ALA B 224 12.01 -28.40 15.82
CA ALA B 224 10.75 -28.06 16.48
C ALA B 224 10.55 -28.87 17.75
N GLU B 225 10.93 -30.15 17.73
CA GLU B 225 10.80 -30.98 18.92
C GLU B 225 11.78 -30.57 20.00
N GLU B 226 12.99 -30.17 19.61
CA GLU B 226 13.98 -29.72 20.59
C GLU B 226 13.61 -28.36 21.17
N ALA B 227 13.10 -27.46 20.33
CA ALA B 227 12.70 -26.15 20.82
C ALA B 227 11.50 -26.23 21.76
N GLU B 228 10.58 -27.17 21.52
CA GLU B 228 9.44 -27.32 22.41
C GLU B 228 9.88 -27.86 23.77
N LYS B 229 10.87 -28.75 23.80
CA LYS B 229 11.36 -29.26 25.07
C LYS B 229 12.14 -28.20 25.83
N LYS B 230 12.88 -27.36 25.13
CA LYS B 230 13.65 -26.29 25.75
C LYS B 230 12.71 -25.18 26.24
N ASP B 232 11.70 -22.64 24.00
CA ASP B 232 11.75 -21.56 23.02
C ASP B 232 10.64 -21.71 21.99
N LEU B 233 9.53 -20.99 22.21
CA LEU B 233 8.41 -21.05 21.29
C LEU B 233 8.66 -20.25 20.02
N ILE B 234 9.62 -19.31 20.03
CA ILE B 234 9.96 -18.59 18.82
C ILE B 234 10.66 -19.50 17.83
N ALA B 235 11.63 -20.29 18.31
CA ALA B 235 12.32 -21.24 17.43
C ALA B 235 11.38 -22.34 16.96
N ALA B 236 10.44 -22.77 17.82
CA ALA B 236 9.50 -23.81 17.41
C ALA B 236 8.60 -23.33 16.30
N ALA B 237 8.11 -22.09 16.38
CA ALA B 237 7.27 -21.55 15.32
C ALA B 237 8.08 -21.34 14.04
N LEU B 238 9.34 -20.92 14.17
CA LEU B 238 10.19 -20.77 12.99
C LEU B 238 10.46 -22.12 12.34
N ALA B 239 10.59 -23.17 13.13
CA ALA B 239 10.80 -24.51 12.58
C ALA B 239 9.57 -25.00 11.81
N LEU B 240 8.37 -24.64 12.28
CA LEU B 240 7.17 -24.98 11.55
C LEU B 240 7.06 -24.21 10.24
N ILE B 241 7.59 -22.98 10.22
CA ILE B 241 7.63 -22.20 8.97
C ILE B 241 8.51 -22.91 7.95
N ALA B 242 9.66 -23.42 8.38
CA ALA B 242 10.53 -24.18 7.48
C ALA B 242 9.87 -25.46 7.00
N GLN B 243 9.03 -26.08 7.86
CA GLN B 243 8.31 -27.27 7.44
C GLN B 243 7.31 -26.96 6.33
N ALA B 244 6.57 -25.86 6.47
CA ALA B 244 5.59 -25.50 5.44
C ALA B 244 6.28 -25.11 4.14
N LEU B 245 7.38 -24.36 4.22
CA LEU B 245 8.11 -23.98 3.02
C LEU B 245 8.71 -25.18 2.33
N ALA B 246 9.13 -26.20 3.09
CA ALA B 246 9.65 -27.41 2.49
C ALA B 246 8.56 -28.17 1.76
N LEU B 247 7.34 -28.17 2.31
CA LEU B 247 6.22 -28.83 1.64
C LEU B 247 5.82 -28.10 0.37
N ILE B 248 6.04 -26.79 0.31
CA ILE B 248 5.78 -26.03 -0.91
C ILE B 248 6.73 -26.47 -2.01
N ALA B 249 7.99 -26.71 -1.67
CA ALA B 249 8.96 -27.17 -2.66
C ALA B 249 8.61 -28.55 -3.18
N ILE B 250 8.14 -29.44 -2.30
CA ILE B 250 7.73 -30.77 -2.73
C ILE B 250 6.50 -30.69 -3.64
N ALA B 251 5.58 -29.79 -3.31
CA ALA B 251 4.36 -29.65 -4.12
C ALA B 251 4.68 -29.14 -5.52
N LEU B 252 5.56 -28.14 -5.63
CA LEU B 252 5.92 -27.61 -6.94
C LEU B 252 6.61 -28.67 -7.79
N ALA B 253 7.43 -29.52 -7.17
CA ALA B 253 8.10 -30.57 -7.93
C ALA B 253 7.13 -31.69 -8.30
N ALA B 254 6.23 -32.05 -7.38
CA ALA B 254 5.28 -33.12 -7.67
C ALA B 254 4.26 -32.71 -8.71
N ILE B 255 3.98 -31.41 -8.83
CA ILE B 255 3.03 -30.94 -9.84
C ILE B 255 3.59 -31.15 -11.23
N ALA B 256 4.84 -30.75 -11.44
CA ALA B 256 5.44 -30.89 -12.77
C ALA B 256 5.69 -32.35 -13.12
N LEU B 257 5.99 -33.20 -12.13
CA LEU B 257 6.22 -34.61 -12.38
C LEU B 257 4.94 -35.42 -12.47
N GLY B 258 3.79 -34.83 -12.13
CA GLY B 258 2.53 -35.55 -12.20
C GLY B 258 2.39 -36.65 -11.17
N ASP B 259 2.89 -36.43 -9.95
CA ASP B 259 2.82 -37.42 -8.87
C ASP B 259 1.61 -37.10 -8.02
N GLU B 260 0.48 -37.74 -8.33
CA GLU B 260 -0.74 -37.50 -7.57
C GLU B 260 -0.62 -38.03 -6.15
N GLU B 261 0.07 -39.17 -5.98
CA GLU B 261 0.23 -39.72 -4.63
C GLU B 261 1.09 -38.83 -3.75
N GLU B 262 2.11 -38.20 -4.33
CA GLU B 262 2.94 -37.28 -3.56
C GLU B 262 2.17 -36.01 -3.21
N LEU B 263 1.30 -35.55 -4.11
CA LEU B 263 0.50 -34.37 -3.82
C LEU B 263 -0.49 -34.63 -2.69
N LYS B 264 -1.06 -35.84 -2.65
CA LYS B 264 -1.97 -36.18 -1.57
C LYS B 264 -1.25 -36.27 -0.22
N LYS B 265 0.02 -36.70 -0.24
CA LYS B 265 0.79 -36.73 1.00
C LYS B 265 1.18 -35.33 1.47
N VAL B 266 1.33 -34.39 0.53
CA VAL B 266 1.64 -33.01 0.91
C VAL B 266 0.48 -32.40 1.68
N ILE B 267 -0.75 -32.64 1.24
CA ILE B 267 -1.93 -32.13 1.94
C ILE B 267 -2.01 -32.73 3.33
N GLU B 268 -1.76 -34.03 3.45
CA GLU B 268 -1.83 -34.68 4.76
C GLU B 268 -0.75 -34.16 5.71
N GLU B 269 0.47 -33.98 5.21
CA GLU B 269 1.55 -33.48 6.06
C GLU B 269 1.32 -32.02 6.42
N ALA B 270 0.88 -31.20 5.47
CA ALA B 270 0.64 -29.79 5.75
C ALA B 270 -0.49 -29.59 6.75
N LYS B 271 -1.46 -30.51 6.78
CA LYS B 271 -2.51 -30.45 7.79
C LYS B 271 -1.96 -30.70 9.19
N LYS B 272 -0.89 -31.51 9.29
CA LYS B 272 -0.27 -31.73 10.60
C LYS B 272 0.53 -30.51 11.04
N VAL B 273 1.19 -29.83 10.10
CA VAL B 273 1.90 -28.61 10.43
C VAL B 273 0.92 -27.52 10.85
N TYR B 274 -0.24 -27.45 10.19
CA TYR B 274 -1.25 -26.47 10.55
C TYR B 274 -1.79 -26.72 11.95
N GLU B 275 -2.02 -27.99 12.30
CA GLU B 275 -2.52 -28.31 13.63
C GLU B 275 -1.45 -28.10 14.69
N GLU B 276 -0.19 -28.41 14.37
CA GLU B 276 0.90 -28.18 15.32
C GLU B 276 1.13 -26.70 15.54
N ALA B 277 1.00 -25.88 14.50
CA ALA B 277 1.15 -24.44 14.65
C ALA B 277 0.01 -23.86 15.47
N LYS B 278 -1.17 -24.48 15.43
CA LYS B 278 -2.29 -24.01 16.25
C LYS B 278 -2.03 -24.25 17.73
N LYS B 279 -1.35 -25.35 18.07
CA LYS B 279 -1.02 -25.61 19.47
C LYS B 279 0.05 -24.64 19.98
N ILE B 280 1.03 -24.31 19.12
CA ILE B 280 2.06 -23.35 19.52
C ILE B 280 1.44 -21.97 19.70
N TYR B 281 0.46 -21.61 18.86
CA TYR B 281 -0.19 -20.32 19.00
C TYR B 281 -0.96 -20.22 20.32
N GLU B 282 -1.68 -21.29 20.68
CA GLU B 282 -2.44 -21.27 21.93
C GLU B 282 -1.53 -21.24 23.15
N GLU B 283 -0.38 -21.91 23.06
CA GLU B 283 0.55 -21.91 24.19
C GLU B 283 1.25 -20.56 24.32
N ALA B 284 1.56 -19.92 23.19
CA ALA B 284 2.23 -18.62 23.23
C ALA B 284 1.29 -17.54 23.76
N LYS B 285 0.01 -17.59 23.39
CA LYS B 285 -0.94 -16.60 23.88
C LYS B 285 -1.22 -16.78 25.37
N LYS B 286 -1.17 -18.01 25.88
CA LYS B 286 -1.40 -18.23 27.30
C LYS B 286 -0.25 -17.70 28.15
N LYS B 287 0.97 -17.78 27.64
CA LYS B 287 2.14 -17.30 28.36
C LYS B 287 2.46 -15.87 27.98
N LEU B 290 3.93 -13.25 22.36
CA LEU B 290 3.26 -12.48 21.31
C LEU B 290 4.02 -12.56 20.02
N ILE B 291 5.31 -12.38 20.08
CA ILE B 291 6.15 -12.58 18.90
C ILE B 291 6.06 -14.02 18.41
N ALA B 292 6.15 -14.98 19.34
CA ALA B 292 6.04 -16.38 18.95
C ALA B 292 4.63 -16.72 18.47
N ALA B 293 3.61 -16.07 19.02
CA ALA B 293 2.24 -16.33 18.58
C ALA B 293 2.02 -15.88 17.14
N ALA B 294 2.59 -14.72 16.77
CA ALA B 294 2.44 -14.23 15.40
C ALA B 294 3.18 -15.13 14.41
N LEU B 295 4.35 -15.63 14.80
CA LEU B 295 5.08 -16.54 13.92
C LEU B 295 4.34 -17.86 13.74
N ALA B 296 3.55 -18.27 14.73
CA ALA B 296 2.73 -19.48 14.58
C ALA B 296 1.62 -19.26 13.56
N LEU B 297 1.03 -18.06 13.53
CA LEU B 297 0.03 -17.75 12.52
C LEU B 297 0.65 -17.67 11.13
N ILE B 298 1.91 -17.22 11.05
CA ILE B 298 2.61 -17.20 9.76
C ILE B 298 2.79 -18.63 9.24
N ALA B 299 3.15 -19.56 10.12
CA ALA B 299 3.29 -20.96 9.71
C ALA B 299 1.95 -21.55 9.27
N GLN B 300 0.85 -21.11 9.89
CA GLN B 300 -0.47 -21.59 9.49
C GLN B 300 -0.82 -21.13 8.08
N ALA B 301 -0.52 -19.86 7.77
CA ALA B 301 -0.82 -19.34 6.43
C ALA B 301 0.00 -20.03 5.37
N LEU B 302 1.29 -20.27 5.65
CA LEU B 302 2.14 -20.95 4.67
C LEU B 302 1.71 -22.40 4.47
N ALA B 303 1.24 -23.05 5.54
CA ALA B 303 0.74 -24.42 5.41
C ALA B 303 -0.50 -24.47 4.52
N LEU B 304 -1.35 -23.45 4.58
CA LEU B 304 -2.52 -23.41 3.70
C LEU B 304 -2.14 -23.11 2.26
N ILE B 305 -1.03 -22.40 2.04
CA ILE B 305 -0.56 -22.15 0.69
C ILE B 305 -0.11 -23.45 0.03
N ALA B 306 0.57 -24.31 0.79
CA ALA B 306 0.98 -25.61 0.25
C ALA B 306 -0.24 -26.49 -0.02
N ILE B 307 -1.26 -26.42 0.84
CA ILE B 307 -2.48 -27.19 0.62
C ILE B 307 -3.20 -26.70 -0.63
N ALA B 308 -3.25 -25.38 -0.83
CA ALA B 308 -3.93 -24.84 -1.99
C ALA B 308 -3.23 -25.25 -3.29
N LEU B 309 -1.90 -25.21 -3.31
CA LEU B 309 -1.17 -25.59 -4.51
C LEU B 309 -1.40 -27.05 -4.86
N ALA B 310 -1.39 -27.93 -3.86
CA ALA B 310 -1.58 -29.35 -4.13
C ALA B 310 -3.02 -29.66 -4.52
N ALA B 311 -3.99 -29.01 -3.86
CA ALA B 311 -5.39 -29.26 -4.17
C ALA B 311 -5.78 -28.73 -5.54
N ILE B 312 -5.16 -27.64 -5.99
CA ILE B 312 -5.47 -27.09 -7.31
C ILE B 312 -5.04 -28.06 -8.41
N ALA B 313 -3.82 -28.59 -8.30
CA ALA B 313 -3.33 -29.52 -9.31
C ALA B 313 -4.09 -30.83 -9.29
N LEU B 314 -4.55 -31.26 -8.11
CA LEU B 314 -5.31 -32.49 -8.00
C LEU B 314 -6.78 -32.31 -8.39
N GLY B 315 -7.25 -31.07 -8.47
CA GLY B 315 -8.66 -30.83 -8.71
C GLY B 315 -9.54 -31.16 -7.53
N ASP B 316 -9.00 -31.08 -6.31
CA ASP B 316 -9.73 -31.44 -5.10
C ASP B 316 -10.43 -30.20 -4.58
N GLU B 317 -11.71 -30.06 -4.94
CA GLU B 317 -12.47 -28.87 -4.56
C GLU B 317 -12.84 -28.86 -3.09
N GLU B 318 -13.00 -30.03 -2.47
CA GLU B 318 -13.40 -30.08 -1.07
C GLU B 318 -12.33 -29.48 -0.16
N THR B 319 -11.06 -29.84 -0.39
CA THR B 319 -10.00 -29.24 0.40
C THR B 319 -9.76 -27.78 0.01
N LEU B 320 -9.95 -27.45 -1.28
CA LEU B 320 -9.79 -26.06 -1.70
C LEU B 320 -10.80 -25.16 -1.01
N GLU B 321 -12.05 -25.60 -0.91
CA GLU B 321 -13.04 -24.83 -0.19
C GLU B 321 -12.73 -24.79 1.30
N GLU B 322 -12.21 -25.90 1.84
CA GLU B 322 -11.82 -25.93 3.24
C GLU B 322 -10.64 -25.01 3.51
N ALA B 323 -9.63 -25.02 2.63
CA ALA B 323 -8.46 -24.17 2.81
C ALA B 323 -8.82 -22.69 2.76
N ARG B 324 -9.82 -22.32 1.95
CA ARG B 324 -10.26 -20.93 1.92
C ARG B 324 -10.90 -20.53 3.24
N LYS B 325 -11.65 -21.45 3.86
CA LYS B 325 -12.27 -21.14 5.15
C LYS B 325 -11.21 -21.01 6.24
N GLU B 326 -10.19 -21.87 6.23
CA GLU B 326 -9.14 -21.77 7.23
C GLU B 326 -8.29 -20.52 7.03
N ALA B 327 -8.13 -20.07 5.79
CA ALA B 327 -7.38 -18.85 5.53
C ALA B 327 -8.07 -17.63 6.12
N GLU B 328 -9.40 -17.59 6.05
CA GLU B 328 -10.14 -16.49 6.66
C GLU B 328 -10.06 -16.55 8.19
N GLU B 329 -9.97 -17.75 8.75
CA GLU B 329 -9.83 -17.88 10.21
C GLU B 329 -8.48 -17.37 10.67
N VAL B 330 -7.41 -17.63 9.89
CA VAL B 330 -6.10 -17.11 10.24
C VAL B 330 -6.07 -15.59 10.10
N LYS B 331 -6.71 -15.07 9.06
CA LYS B 331 -6.74 -13.62 8.87
C LYS B 331 -7.48 -12.92 9.99
N LYS B 332 -8.58 -13.50 10.46
CA LYS B 332 -9.34 -12.90 11.55
C LYS B 332 -8.58 -12.97 12.86
N GLU B 333 -7.90 -14.09 13.12
CA GLU B 333 -7.14 -14.24 14.35
C GLU B 333 -5.94 -13.31 14.38
N ALA B 334 -5.31 -13.08 13.22
CA ALA B 334 -4.16 -12.19 13.17
C ALA B 334 -4.56 -10.73 13.38
N GLU B 335 -5.77 -10.36 12.96
CA GLU B 335 -6.25 -8.99 13.19
C GLU B 335 -6.48 -8.74 14.67
N GLU B 336 -6.96 -9.74 15.41
CA GLU B 336 -7.14 -9.58 16.85
C GLU B 336 -5.80 -9.53 17.57
N LEU B 337 -4.82 -10.32 17.11
CA LEU B 337 -3.51 -10.31 17.75
C LEU B 337 -2.80 -8.99 17.51
N ALA B 338 -2.95 -8.40 16.32
CA ALA B 338 -2.33 -7.11 16.04
C ALA B 338 -2.89 -6.01 16.93
N LYS B 339 -4.20 -6.07 17.22
CA LYS B 339 -4.79 -5.09 18.13
C LYS B 339 -4.27 -5.27 19.55
N GLU B 340 -4.11 -6.52 19.99
CA GLU B 340 -3.57 -6.77 21.32
C GLU B 340 -2.10 -6.40 21.41
N ALA B 341 -1.34 -6.58 20.31
CA ALA B 341 0.07 -6.25 20.34
C ALA B 341 0.31 -4.75 20.41
N GLU B 342 -0.45 -3.97 19.64
CA GLU B 342 -0.31 -2.52 19.68
C GLU B 342 -0.82 -1.94 21.00
N GLN B 343 -1.71 -2.64 21.70
CA GLN B 343 -2.16 -2.15 22.99
C GLN B 343 -1.07 -2.23 24.05
N LYS B 344 -0.10 -3.13 23.87
CA LYS B 344 1.02 -3.27 24.79
C LYS B 344 2.30 -2.65 24.26
N GLY B 345 2.27 -2.04 23.09
CA GLY B 345 3.47 -1.43 22.54
C GLY B 345 4.44 -2.38 21.89
N ASN B 346 3.99 -3.57 21.49
CA ASN B 346 4.85 -4.55 20.85
C ASN B 346 4.72 -4.39 19.33
N GLU B 347 5.52 -3.47 18.80
CA GLU B 347 5.44 -3.17 17.37
C GLU B 347 6.00 -4.30 16.53
N ILE B 348 6.92 -5.10 17.08
CA ILE B 348 7.49 -6.21 16.33
C ILE B 348 6.45 -7.31 16.14
N ALA B 349 5.73 -7.66 17.21
CA ALA B 349 4.69 -8.67 17.09
C ALA B 349 3.52 -8.17 16.25
N ALA B 350 3.20 -6.87 16.33
CA ALA B 350 2.13 -6.33 15.52
C ALA B 350 2.47 -6.38 14.03
N ALA B 351 3.74 -6.14 13.69
CA ALA B 351 4.15 -6.19 12.29
C ALA B 351 4.15 -7.61 11.76
N LEU B 352 4.53 -8.58 12.60
CA LEU B 352 4.49 -9.98 12.19
C LEU B 352 3.07 -10.45 11.94
N ALA B 353 2.10 -9.92 12.70
CA ALA B 353 0.70 -10.26 12.46
C ALA B 353 0.22 -9.72 11.12
N GLU B 354 0.78 -8.59 10.67
CA GLU B 354 0.43 -8.06 9.36
C GLU B 354 1.01 -8.92 8.25
N ILE B 355 2.16 -9.55 8.49
CA ILE B 355 2.74 -10.46 7.50
C ILE B 355 1.86 -11.70 7.36
N ALA B 356 1.31 -12.19 8.47
CA ALA B 356 0.41 -13.34 8.41
C ALA B 356 -0.87 -13.02 7.65
N ILE B 357 -1.36 -11.79 7.76
CA ILE B 357 -2.56 -11.42 7.02
C ILE B 357 -2.29 -11.42 5.51
N ALA B 358 -1.17 -10.83 5.11
CA ALA B 358 -0.84 -10.78 3.69
C ALA B 358 -0.54 -12.18 3.14
N LEU B 359 0.06 -13.05 3.96
CA LEU B 359 0.29 -14.43 3.51
C LEU B 359 -1.02 -15.19 3.40
N ALA B 360 -1.95 -14.96 4.33
CA ALA B 360 -3.26 -15.60 4.25
C ALA B 360 -4.06 -15.09 3.05
N GLU B 361 -3.86 -13.82 2.67
CA GLU B 361 -4.54 -13.29 1.49
C GLU B 361 -3.98 -13.89 0.21
N ILE B 362 -2.70 -14.27 0.21
CA ILE B 362 -2.11 -14.93 -0.96
C ILE B 362 -2.76 -16.30 -1.17
N ALA B 363 -2.99 -17.04 -0.09
CA ALA B 363 -3.66 -18.34 -0.21
C ALA B 363 -5.08 -18.17 -0.75
N ILE B 364 -5.77 -17.09 -0.33
CA ILE B 364 -7.10 -16.82 -0.86
C ILE B 364 -7.02 -16.47 -2.33
N ALA B 365 -6.00 -15.72 -2.74
CA ALA B 365 -5.83 -15.39 -4.15
C ALA B 365 -5.56 -16.63 -4.98
N LEU B 366 -4.85 -17.62 -4.42
CA LEU B 366 -4.62 -18.87 -5.15
C LEU B 366 -5.92 -19.64 -5.35
N VAL B 367 -6.80 -19.62 -4.34
CA VAL B 367 -8.08 -20.31 -4.47
C VAL B 367 -8.97 -19.59 -5.47
N GLU B 368 -8.98 -18.25 -5.43
CA GLU B 368 -9.79 -17.49 -6.38
C GLU B 368 -9.26 -17.60 -7.80
N ILE B 369 -7.96 -17.82 -7.95
CA ILE B 369 -7.38 -17.96 -9.29
C ILE B 369 -7.90 -19.23 -9.96
N ALA B 370 -8.05 -20.30 -9.19
CA ALA B 370 -8.53 -21.57 -9.72
C ALA B 370 -10.05 -21.57 -9.88
#